data_7D76
#
_entry.id   7D76
#
_cell.length_a   1.00
_cell.length_b   1.00
_cell.length_c   1.00
_cell.angle_alpha   90.00
_cell.angle_beta   90.00
_cell.angle_gamma   90.00
#
_symmetry.space_group_name_H-M   'P 1'
#
loop_
_entity.id
_entity.type
_entity.pdbx_description
1 polymer 'Guanine nucleotide-binding protein G(o) subunit alpha'
2 polymer 'Guanine nucleotide-binding protein G(I)/G(S)/G(T) subunit beta-1'
3 polymer 'Guanine nucleotide-binding protein G(I)/G(S)/G(O) subunit gamma-2'
4 polymer 'Adhesion G protein-coupled receptor G3; GPR97'
5 non-polymer 'PALMITIC ACID'
6 non-polymer 'CHOLESTEROL HEMISUCCINATE'
7 non-polymer (8~{S},9~{R},10~{S},11~{S},13~{S},14~{S},16~{S},17~{R})-9-chloranyl-10,13,16-trimethyl-11,17-bis(oxidanyl)-17-(2-oxidanylethanoyl)-6,7,8,11,12,14,15,16-octahydrocyclopenta[a]phenanthren-3-one
8 non-polymer CHOLESTEROL
#
loop_
_entity_poly.entity_id
_entity_poly.type
_entity_poly.pdbx_seq_one_letter_code
_entity_poly.pdbx_strand_id
1 'polypeptide(L)'
;MTLSAEERAALERSKAIEKNLKEDGISAAKDVKLLLLGADNSGKSTIVKQMKIIHGGSGGSGGTTGIVETHFTFKNLHFR
LFDVGGQRSERKKWIHCFEDVTAIIFCVDLSDYNRMHESLMLFDSICNNKFFIDTSIILFLNKKDLFGEKIKKSPLTICF
PEYTGPNTYEDAAAYIQAQFESKNRSPNKEIYCHMTCATDTNNAQVIFDAVTDIIIANNLRGCGLY
;
A
2 'polypeptide(L)'
;MSELDQLRQEAEQLKNQIRDARKACADATLSQITNNIDPVGRIQMRTRRTLRGHLAKIYAMHWGTDSRLLVSASQDGKLI
IWDSYTTNKVHAIPLRSSWVMTCAYAPSGNYVACGGLDNICSIYNLKTREGNVRVSRELAGHTGYLSCCRFLDDNQIVTS
SGDTTCALWDIETGQQTTTFTGHTGDVMSLSLAPDTRLFVSGACDASAKLWDVREGMCRQTFTGHESDINAICFFPNGNA
FATGSDDATCRLFDLRADQELMTYSHDNIICGITSVSFSKSGRLLLAGYDDFNCNVWDALKADRAGVLAGHDNRVSCLGV
TDDGMAVATGSWDSFLKIWNHHHHHH
;
B
3 'polypeptide(L)' MASNNTASIAQARKLVEQLKMEANIDRIKVSKAAADLMAYCEAHAKEDPLLTPVPASENPFREKKFFCAIL G
4 'polypeptide(L)'
;DYKDDDDAKLQTMHHHHHHHHHHENLYFQGGTQEKPTEGPRNTCLGSNNMYDIFNLNDKALCFTKCRQSGSDSCNVENLQ
RYWLNYEAHLMKEGLTQKVNTPFLKALVQNLSTNTAEDFYFSLEPSQVPRQVMKDEDKPPDRVRLPKSLFRSLPGNRSVV
RLAVTILDIGPGTLFKGPRLGLGDGSGVLNNRLVGLSVGQMHVTKLAEPLEIVFSHQRPPPNMTLTCVFWDVTKGTTGDW
SSEGCSTEVRPEGTVCCCDALAFFALLLRPTLDQSTVHILTRISQAGCGVSMIFLAFTIILYAFLRLSRERFKSEDAPKI
HVALGGSLFLLNLAFLVNVGSGSKGSDAACWARGAVFHYFLLCAFTWMGLEAFHLYLLAVRVFNTYFGHYFLKLSLVGWG
LPALMVIGTGSANSYGLYTIRDRENRTSLELCWFREGTTMYALYITVHGYFLITFLFGMVVLALVVWKIFTLSRATAVKE
RGKNRKKVLTLLGLSSLVGVTWGLAIFTPLGLSTVYIFALFNSLQGVFICCWFTILYLPSQSTTVSSSTARLDQAHSASQ
E
;
R
#
# COMPACT_ATOMS: atom_id res chain seq x y z
N THR A 2 -29.89 5.23 14.92
CA THR A 2 -29.70 3.90 15.50
C THR A 2 -30.88 3.51 16.37
N LEU A 3 -31.96 4.28 16.28
CA LEU A 3 -33.16 4.02 17.08
C LEU A 3 -34.35 3.59 16.22
N SER A 4 -34.58 4.23 15.09
CA SER A 4 -35.72 3.89 14.25
C SER A 4 -35.56 2.49 13.67
N ALA A 5 -36.62 2.05 12.98
CA ALA A 5 -36.58 0.72 12.36
C ALA A 5 -35.67 0.71 11.14
N GLU A 6 -35.78 1.73 10.28
CA GLU A 6 -34.98 1.75 9.06
C GLU A 6 -33.50 1.87 9.38
N GLU A 7 -33.14 2.70 10.35
CA GLU A 7 -31.74 2.81 10.75
C GLU A 7 -31.23 1.52 11.39
N ARG A 8 -32.09 0.82 12.12
CA ARG A 8 -31.71 -0.46 12.71
C ARG A 8 -31.42 -1.49 11.62
N ALA A 9 -32.30 -1.58 10.61
CA ALA A 9 -32.05 -2.49 9.51
C ALA A 9 -30.80 -2.10 8.73
N ALA A 10 -30.58 -0.80 8.56
CA ALA A 10 -29.36 -0.34 7.91
C ALA A 10 -28.12 -0.80 8.66
N LEU A 11 -28.12 -0.66 9.98
CA LEU A 11 -26.97 -1.10 10.77
C LEU A 11 -26.81 -2.62 10.71
N GLU A 12 -27.92 -3.36 10.68
CA GLU A 12 -27.83 -4.80 10.51
C GLU A 12 -27.16 -5.17 9.20
N ARG A 13 -27.55 -4.51 8.11
CA ARG A 13 -26.92 -4.79 6.82
C ARG A 13 -25.45 -4.41 6.83
N SER A 14 -25.12 -3.27 7.43
CA SER A 14 -23.72 -2.87 7.56
C SER A 14 -22.91 -3.94 8.28
N LYS A 15 -23.48 -4.52 9.33
CA LYS A 15 -22.73 -5.51 10.11
C LYS A 15 -22.59 -6.82 9.36
N ALA A 16 -23.65 -7.28 8.70
CA ALA A 16 -23.54 -8.50 7.91
C ALA A 16 -22.50 -8.35 6.80
N ILE A 17 -22.48 -7.19 6.14
CA ILE A 17 -21.52 -6.96 5.07
C ILE A 17 -20.11 -6.86 5.62
N GLU A 18 -19.94 -6.23 6.78
CA GLU A 18 -18.62 -6.20 7.40
C GLU A 18 -18.13 -7.60 7.73
N LYS A 19 -19.03 -8.47 8.19
CA LYS A 19 -18.63 -9.84 8.49
C LYS A 19 -18.20 -10.58 7.23
N ASN A 20 -18.96 -10.44 6.15
CA ASN A 20 -18.56 -11.09 4.89
C ASN A 20 -17.22 -10.53 4.39
N LEU A 21 -17.00 -9.23 4.53
CA LEU A 21 -15.72 -8.65 4.12
C LEU A 21 -14.57 -9.22 4.93
N LYS A 22 -14.74 -9.37 6.24
CA LYS A 22 -13.67 -9.95 7.05
C LYS A 22 -13.43 -11.41 6.68
N GLU A 23 -14.49 -12.16 6.41
CA GLU A 23 -14.34 -13.55 5.99
C GLU A 23 -13.53 -13.65 4.70
N ASP A 24 -13.89 -12.85 3.70
CA ASP A 24 -13.13 -12.91 2.45
C ASP A 24 -11.73 -12.35 2.59
N GLY A 25 -11.52 -11.41 3.52
CA GLY A 25 -10.20 -10.88 3.73
C GLY A 25 -9.26 -11.89 4.37
N ILE A 26 -9.80 -12.76 5.23
CA ILE A 26 -8.96 -13.83 5.76
C ILE A 26 -8.85 -15.00 4.79
N SER A 27 -9.84 -15.18 3.90
CA SER A 27 -9.77 -16.29 2.96
C SER A 27 -8.87 -15.99 1.77
N ALA A 28 -8.66 -14.72 1.45
CA ALA A 28 -7.88 -14.37 0.27
C ALA A 28 -6.43 -14.05 0.58
N ALA A 29 -6.06 -13.87 1.85
CA ALA A 29 -4.68 -13.53 2.18
C ALA A 29 -3.78 -14.76 2.25
N LYS A 30 -4.35 -15.97 2.19
CA LYS A 30 -3.54 -17.17 2.25
C LYS A 30 -3.10 -17.67 0.89
N ASP A 31 -3.38 -16.95 -0.18
CA ASP A 31 -2.86 -17.28 -1.50
C ASP A 31 -1.56 -16.55 -1.73
N VAL A 32 -0.77 -17.05 -2.67
CA VAL A 32 0.46 -16.40 -3.08
C VAL A 32 0.27 -15.86 -4.49
N LYS A 33 0.64 -14.59 -4.69
CA LYS A 33 0.49 -13.93 -5.97
C LYS A 33 1.85 -13.85 -6.65
N LEU A 34 1.93 -14.35 -7.87
CA LEU A 34 3.19 -14.42 -8.60
C LEU A 34 3.01 -13.80 -9.97
N LEU A 35 3.74 -12.72 -10.23
CA LEU A 35 3.70 -12.02 -11.51
C LEU A 35 4.66 -12.74 -12.45
N LEU A 36 4.17 -13.13 -13.63
CA LEU A 36 4.89 -14.02 -14.52
C LEU A 36 5.29 -13.26 -15.77
N LEU A 37 6.49 -12.69 -15.76
CA LEU A 37 7.03 -11.90 -16.85
C LEU A 37 7.82 -12.79 -17.80
N GLY A 38 8.59 -12.17 -18.67
CA GLY A 38 9.48 -12.88 -19.57
C GLY A 38 9.09 -12.72 -21.02
N ALA A 39 10.11 -12.80 -21.87
CA ALA A 39 9.90 -12.74 -23.31
C ALA A 39 9.06 -13.92 -23.78
N ASP A 40 8.48 -13.77 -24.98
CA ASP A 40 7.59 -14.78 -25.49
C ASP A 40 8.36 -15.98 -26.02
N ASN A 41 7.65 -17.11 -26.16
CA ASN A 41 8.19 -18.40 -26.59
C ASN A 41 9.23 -18.95 -25.63
N SER A 42 9.33 -18.41 -24.43
CA SER A 42 10.24 -18.92 -23.41
C SER A 42 9.61 -19.98 -22.53
N GLY A 43 8.55 -20.63 -22.99
CA GLY A 43 7.90 -21.65 -22.18
C GLY A 43 7.15 -21.12 -20.98
N LYS A 44 6.79 -19.83 -20.97
CA LYS A 44 6.11 -19.28 -19.81
C LYS A 44 4.70 -19.85 -19.66
N SER A 45 4.16 -20.45 -20.71
CA SER A 45 2.82 -21.02 -20.62
C SER A 45 2.81 -22.36 -19.90
N THR A 46 3.96 -23.03 -19.81
CA THR A 46 4.08 -24.32 -19.15
C THR A 46 5.24 -24.32 -18.18
N ILE A 47 5.35 -23.27 -17.36
CA ILE A 47 6.39 -23.23 -16.35
C ILE A 47 6.15 -24.29 -15.29
N VAL A 48 4.89 -24.67 -15.07
CA VAL A 48 4.52 -25.78 -14.21
C VAL A 48 3.59 -26.69 -14.98
N LYS A 49 3.84 -27.99 -14.89
CA LYS A 49 3.14 -28.94 -15.75
C LYS A 49 1.63 -28.92 -15.52
N GLN A 50 1.19 -28.81 -14.27
CA GLN A 50 -0.22 -28.82 -13.92
C GLN A 50 -0.60 -27.43 -13.37
N MET A 51 -1.25 -26.63 -14.21
CA MET A 51 -1.62 -25.26 -13.84
C MET A 51 -3.12 -25.04 -13.77
N LYS A 52 -3.92 -25.72 -14.61
CA LYS A 52 -5.37 -25.60 -14.58
C LYS A 52 -5.80 -24.14 -14.73
N ILE A 53 -5.55 -23.62 -15.93
CA ILE A 53 -5.52 -22.18 -16.21
C ILE A 53 -6.75 -21.45 -15.65
N ILE A 54 -7.94 -21.81 -16.10
CA ILE A 54 -9.15 -21.15 -15.62
C ILE A 54 -10.38 -21.86 -16.19
N THR A 65 -7.40 -9.62 -25.46
CA THR A 65 -7.34 -10.35 -24.19
C THR A 65 -6.60 -9.54 -23.14
N GLY A 66 -6.85 -9.87 -21.87
CA GLY A 66 -6.26 -9.16 -20.76
C GLY A 66 -5.29 -10.02 -19.98
N ILE A 67 -5.18 -9.75 -18.69
CA ILE A 67 -4.33 -10.54 -17.81
C ILE A 67 -4.91 -11.93 -17.69
N VAL A 68 -4.05 -12.94 -17.80
CA VAL A 68 -4.47 -14.34 -17.74
C VAL A 68 -4.03 -14.92 -16.40
N GLU A 69 -4.91 -15.69 -15.77
CA GLU A 69 -4.64 -16.28 -14.48
C GLU A 69 -4.47 -17.79 -14.59
N THR A 70 -3.59 -18.34 -13.74
CA THR A 70 -3.44 -19.78 -13.54
C THR A 70 -3.25 -20.00 -12.04
N HIS A 71 -3.90 -21.03 -11.50
CA HIS A 71 -4.08 -21.13 -10.06
C HIS A 71 -3.76 -22.53 -9.53
N PHE A 72 -2.61 -23.08 -9.89
CA PHE A 72 -2.25 -24.41 -9.39
C PHE A 72 -2.10 -24.39 -7.87
N THR A 73 -2.28 -25.56 -7.26
CA THR A 73 -2.18 -25.74 -5.82
C THR A 73 -1.11 -26.77 -5.48
N PHE A 74 -0.46 -26.57 -4.34
CA PHE A 74 0.70 -27.40 -3.98
C PHE A 74 0.95 -27.30 -2.49
N LYS A 75 0.98 -28.45 -1.82
CA LYS A 75 1.28 -28.55 -0.39
C LYS A 75 0.34 -27.67 0.45
N ASN A 76 -0.96 -27.80 0.20
CA ASN A 76 -1.99 -27.02 0.90
C ASN A 76 -1.68 -25.53 0.86
N LEU A 77 -1.44 -25.02 -0.34
CA LEU A 77 -1.15 -23.61 -0.55
C LEU A 77 -1.56 -23.26 -1.97
N HIS A 78 -2.18 -22.09 -2.14
CA HIS A 78 -2.78 -21.70 -3.42
C HIS A 78 -1.90 -20.67 -4.09
N PHE A 79 -1.34 -21.03 -5.25
CA PHE A 79 -0.50 -20.14 -6.03
C PHE A 79 -1.32 -19.55 -7.17
N ARG A 80 -1.20 -18.25 -7.37
CA ARG A 80 -1.92 -17.56 -8.44
C ARG A 80 -0.90 -16.90 -9.35
N LEU A 81 -0.84 -17.35 -10.60
CA LEU A 81 0.13 -16.88 -11.57
C LEU A 81 -0.57 -16.00 -12.60
N PHE A 82 -0.07 -14.77 -12.77
CA PHE A 82 -0.67 -13.79 -13.66
C PHE A 82 0.29 -13.53 -14.82
N ASP A 83 -0.11 -13.95 -16.01
CA ASP A 83 0.67 -13.71 -17.23
C ASP A 83 0.19 -12.41 -17.86
N VAL A 84 0.98 -11.34 -17.71
CA VAL A 84 0.58 -10.02 -18.17
C VAL A 84 0.99 -9.76 -19.61
N GLY A 85 1.42 -10.80 -20.33
CA GLY A 85 1.57 -10.67 -21.76
C GLY A 85 0.21 -10.64 -22.45
N GLY A 86 0.15 -9.93 -23.56
CA GLY A 86 -1.09 -9.79 -24.29
C GLY A 86 -1.84 -8.51 -24.02
N GLN A 87 -1.44 -7.74 -23.00
CA GLN A 87 -2.11 -6.47 -22.74
C GLN A 87 -1.87 -5.47 -23.87
N ARG A 88 -0.63 -5.42 -24.39
CA ARG A 88 -0.28 -4.58 -25.54
C ARG A 88 -0.61 -3.11 -25.31
N SER A 89 -0.35 -2.62 -24.09
CA SER A 89 -0.63 -1.25 -23.72
C SER A 89 0.60 -0.64 -23.05
N GLU A 90 0.42 0.55 -22.49
CA GLU A 90 1.53 1.22 -21.80
C GLU A 90 1.86 0.49 -20.52
N ARG A 91 2.98 -0.24 -20.51
CA ARG A 91 3.32 -1.06 -19.35
C ARG A 91 3.45 -0.20 -18.09
N LYS A 92 4.05 0.98 -18.22
CA LYS A 92 4.26 1.82 -17.05
C LYS A 92 2.95 2.31 -16.45
N LYS A 93 1.84 2.20 -17.17
CA LYS A 93 0.58 2.78 -16.73
C LYS A 93 -0.26 1.83 -15.89
N TRP A 94 -0.06 0.52 -16.00
CA TRP A 94 -0.86 -0.41 -15.21
C TRP A 94 0.01 -1.40 -14.46
N ILE A 95 1.33 -1.25 -14.55
CA ILE A 95 2.20 -2.19 -13.86
C ILE A 95 2.14 -2.02 -12.36
N HIS A 96 1.67 -0.86 -11.87
CA HIS A 96 1.53 -0.69 -10.44
C HIS A 96 0.31 -1.41 -9.88
N CYS A 97 -0.46 -2.09 -10.73
CA CYS A 97 -1.52 -2.96 -10.23
C CYS A 97 -0.92 -4.13 -9.45
N PHE A 98 0.25 -4.61 -9.88
CA PHE A 98 0.86 -5.80 -9.33
C PHE A 98 1.96 -5.49 -8.32
N GLU A 99 1.87 -4.37 -7.62
CA GLU A 99 2.86 -4.04 -6.61
C GLU A 99 2.73 -4.92 -5.37
N ASP A 100 1.62 -5.66 -5.26
CA ASP A 100 1.37 -6.48 -4.09
C ASP A 100 1.72 -7.96 -4.29
N VAL A 101 2.51 -8.29 -5.31
CA VAL A 101 2.89 -9.68 -5.51
C VAL A 101 4.08 -10.01 -4.62
N THR A 102 4.25 -11.30 -4.32
CA THR A 102 5.37 -11.73 -3.51
C THR A 102 6.66 -11.84 -4.33
N ALA A 103 6.58 -12.44 -5.52
CA ALA A 103 7.77 -12.68 -6.31
C ALA A 103 7.43 -12.55 -7.79
N ILE A 104 8.45 -12.28 -8.59
CA ILE A 104 8.32 -12.13 -10.04
C ILE A 104 8.97 -13.33 -10.69
N ILE A 105 8.16 -14.27 -11.19
CA ILE A 105 8.71 -15.34 -12.01
C ILE A 105 9.15 -14.74 -13.34
N PHE A 106 10.25 -15.26 -13.90
CA PHE A 106 10.82 -14.69 -15.10
C PHE A 106 11.44 -15.81 -15.93
N CYS A 107 10.69 -16.32 -16.90
CA CYS A 107 11.17 -17.39 -17.76
C CYS A 107 12.00 -16.82 -18.90
N VAL A 108 13.07 -17.54 -19.26
CA VAL A 108 13.98 -17.13 -20.30
C VAL A 108 14.32 -18.35 -21.15
N ASP A 109 14.21 -18.20 -22.47
CA ASP A 109 14.55 -19.27 -23.40
C ASP A 109 16.03 -19.19 -23.71
N LEU A 110 16.78 -20.21 -23.30
CA LEU A 110 18.22 -20.22 -23.57
C LEU A 110 18.55 -20.66 -24.99
N SER A 111 17.69 -21.46 -25.62
CA SER A 111 17.97 -22.00 -26.93
C SER A 111 17.90 -20.96 -28.05
N ASP A 112 17.46 -19.75 -27.76
CA ASP A 112 17.35 -18.70 -28.75
C ASP A 112 18.51 -17.72 -28.61
N TYR A 113 18.77 -16.99 -29.70
CA TYR A 113 19.81 -15.97 -29.71
C TYR A 113 19.32 -14.58 -30.08
N ASN A 114 18.19 -14.45 -30.77
CA ASN A 114 17.67 -13.14 -31.11
C ASN A 114 16.85 -12.53 -29.97
N ARG A 115 16.12 -13.37 -29.23
CA ARG A 115 15.34 -12.90 -28.10
C ARG A 115 16.18 -12.65 -26.85
N MET A 116 17.47 -12.93 -26.90
CA MET A 116 18.29 -12.84 -25.68
C MET A 116 18.46 -11.39 -25.23
N HIS A 117 18.74 -10.49 -26.16
CA HIS A 117 18.91 -9.09 -25.79
C HIS A 117 17.59 -8.44 -25.40
N GLU A 118 16.49 -8.85 -26.03
CA GLU A 118 15.18 -8.37 -25.61
C GLU A 118 14.87 -8.83 -24.19
N SER A 119 15.15 -10.09 -23.89
CA SER A 119 14.94 -10.59 -22.54
C SER A 119 15.81 -9.87 -21.53
N LEU A 120 17.08 -9.62 -21.89
CA LEU A 120 17.98 -8.92 -20.99
C LEU A 120 17.53 -7.48 -20.74
N MET A 121 17.04 -6.79 -21.77
CA MET A 121 16.56 -5.43 -21.59
C MET A 121 15.27 -5.39 -20.77
N LEU A 122 14.37 -6.35 -20.98
CA LEU A 122 13.16 -6.42 -20.18
C LEU A 122 13.49 -6.67 -18.72
N PHE A 123 14.41 -7.60 -18.46
CA PHE A 123 14.86 -7.83 -17.08
C PHE A 123 15.49 -6.57 -16.50
N ASP A 124 16.26 -5.84 -17.30
CA ASP A 124 16.86 -4.60 -16.81
C ASP A 124 15.79 -3.59 -16.42
N SER A 125 14.75 -3.47 -17.24
CA SER A 125 13.70 -2.50 -16.95
C SER A 125 12.88 -2.92 -15.74
N ILE A 126 12.72 -4.21 -15.51
CA ILE A 126 11.88 -4.66 -14.40
C ILE A 126 12.64 -4.63 -13.08
N CYS A 127 13.86 -5.18 -13.05
CA CYS A 127 14.63 -5.26 -11.82
C CYS A 127 15.00 -3.90 -11.25
N ASN A 128 14.76 -2.82 -12.00
CA ASN A 128 15.12 -1.48 -11.56
C ASN A 128 13.92 -0.52 -11.61
N ASN A 129 12.71 -1.06 -11.60
CA ASN A 129 11.52 -0.22 -11.54
C ASN A 129 11.36 0.33 -10.13
N LYS A 130 10.46 1.31 -9.98
CA LYS A 130 10.33 1.96 -8.68
C LYS A 130 9.31 1.26 -7.80
N PHE A 131 8.34 0.56 -8.39
CA PHE A 131 7.39 -0.22 -7.62
C PHE A 131 7.92 -1.60 -7.27
N PHE A 132 8.79 -2.15 -8.12
CA PHE A 132 9.35 -3.49 -7.95
C PHE A 132 10.79 -3.44 -7.46
N ILE A 133 11.10 -2.50 -6.57
CA ILE A 133 12.50 -2.30 -6.17
C ILE A 133 12.90 -3.28 -5.07
N ASP A 134 11.92 -3.87 -4.37
CA ASP A 134 12.23 -4.86 -3.35
C ASP A 134 11.56 -6.20 -3.58
N THR A 135 10.82 -6.36 -4.68
CA THR A 135 10.20 -7.65 -4.99
C THR A 135 11.27 -8.58 -5.53
N SER A 136 11.38 -9.78 -4.96
CA SER A 136 12.41 -10.72 -5.38
C SER A 136 11.98 -11.45 -6.65
N ILE A 137 12.98 -11.88 -7.41
CA ILE A 137 12.78 -12.49 -8.72
C ILE A 137 13.16 -13.96 -8.62
N ILE A 138 12.41 -14.81 -9.29
CA ILE A 138 12.73 -16.23 -9.40
C ILE A 138 13.00 -16.49 -10.87
N LEU A 139 14.26 -16.36 -11.26
CA LEU A 139 14.64 -16.41 -12.67
C LEU A 139 14.84 -17.85 -13.10
N PHE A 140 13.97 -18.33 -13.98
CA PHE A 140 14.15 -19.65 -14.59
C PHE A 140 14.98 -19.51 -15.85
N LEU A 141 15.46 -20.63 -16.36
CA LEU A 141 16.21 -20.67 -17.61
C LEU A 141 15.79 -21.93 -18.34
N ASN A 142 14.80 -21.81 -19.21
CA ASN A 142 14.21 -22.98 -19.83
C ASN A 142 15.08 -23.52 -20.95
N LYS A 143 14.74 -24.72 -21.41
CA LYS A 143 15.40 -25.38 -22.53
C LYS A 143 16.92 -25.40 -22.37
N LYS A 144 17.38 -26.08 -21.32
CA LYS A 144 18.81 -26.19 -21.09
C LYS A 144 19.46 -27.24 -21.97
N ASP A 145 18.74 -28.35 -22.24
CA ASP A 145 19.31 -29.42 -23.06
C ASP A 145 19.47 -28.97 -24.51
N LEU A 146 18.47 -28.29 -25.06
CA LEU A 146 18.61 -27.75 -26.41
C LEU A 146 19.73 -26.74 -26.49
N PHE A 147 19.96 -25.99 -25.40
CA PHE A 147 21.10 -25.07 -25.38
C PHE A 147 22.41 -25.84 -25.41
N GLY A 148 22.55 -26.85 -24.55
CA GLY A 148 23.75 -27.68 -24.57
C GLY A 148 23.99 -28.38 -25.89
N GLU A 149 22.93 -28.67 -26.64
CA GLU A 149 23.09 -29.23 -27.97
C GLU A 149 23.49 -28.17 -28.99
N LYS A 150 22.97 -26.95 -28.83
CA LYS A 150 23.25 -25.90 -29.81
C LYS A 150 24.59 -25.23 -29.55
N ILE A 151 25.04 -25.21 -28.29
CA ILE A 151 26.26 -24.47 -27.95
C ILE A 151 27.47 -25.08 -28.64
N LYS A 152 27.43 -26.36 -28.97
CA LYS A 152 28.56 -26.98 -29.65
C LYS A 152 28.71 -26.45 -31.07
N LYS A 153 27.60 -26.33 -31.81
CA LYS A 153 27.67 -25.90 -33.20
C LYS A 153 27.85 -24.39 -33.31
N SER A 154 27.20 -23.64 -32.43
CA SER A 154 27.27 -22.18 -32.45
C SER A 154 27.81 -21.69 -31.11
N PRO A 155 29.00 -21.08 -31.09
CA PRO A 155 29.56 -20.62 -29.82
C PRO A 155 28.76 -19.47 -29.24
N LEU A 156 29.00 -19.20 -27.95
CA LEU A 156 28.37 -18.07 -27.28
C LEU A 156 29.11 -16.76 -27.52
N THR A 157 29.40 -16.45 -28.78
CA THR A 157 29.95 -15.16 -29.16
C THR A 157 29.08 -14.42 -30.17
N ILE A 158 28.26 -15.15 -30.92
CA ILE A 158 27.28 -14.53 -31.80
C ILE A 158 26.09 -13.99 -31.04
N CYS A 159 26.03 -14.24 -29.73
CA CYS A 159 25.00 -13.68 -28.86
C CYS A 159 25.57 -12.71 -27.84
N PHE A 160 26.74 -13.02 -27.27
CA PHE A 160 27.47 -12.12 -26.38
C PHE A 160 28.88 -11.98 -26.93
N PRO A 161 29.19 -10.88 -27.61
CA PRO A 161 30.52 -10.76 -28.22
C PRO A 161 31.64 -10.56 -27.21
N GLU A 162 31.37 -9.92 -26.08
CA GLU A 162 32.41 -9.67 -25.09
C GLU A 162 32.86 -10.92 -24.36
N TYR A 163 32.22 -12.06 -24.61
CA TYR A 163 32.56 -13.29 -23.89
C TYR A 163 33.69 -14.02 -24.62
N THR A 164 34.70 -14.44 -23.85
CA THR A 164 35.84 -15.11 -24.45
C THR A 164 36.32 -16.30 -23.61
N GLY A 165 35.53 -16.72 -22.61
CA GLY A 165 35.91 -17.82 -21.78
C GLY A 165 35.86 -19.15 -22.53
N PRO A 166 35.97 -20.24 -21.78
CA PRO A 166 35.97 -21.57 -22.41
C PRO A 166 34.59 -21.92 -22.94
N ASN A 167 34.57 -22.55 -24.12
CA ASN A 167 33.32 -22.93 -24.76
C ASN A 167 32.79 -24.25 -24.23
N THR A 168 32.02 -24.20 -23.15
CA THR A 168 31.47 -25.38 -22.52
C THR A 168 30.06 -25.08 -22.04
N TYR A 169 29.24 -26.13 -21.93
CA TYR A 169 27.89 -25.98 -21.39
C TYR A 169 27.91 -25.24 -20.05
N GLU A 170 28.72 -25.73 -19.11
CA GLU A 170 28.70 -25.18 -17.76
C GLU A 170 29.18 -23.73 -17.75
N ASP A 171 30.30 -23.45 -18.43
CA ASP A 171 30.84 -22.10 -18.42
C ASP A 171 29.90 -21.13 -19.11
N ALA A 172 29.31 -21.52 -20.25
CA ALA A 172 28.38 -20.66 -20.96
C ALA A 172 27.13 -20.39 -20.12
N ALA A 173 26.57 -21.43 -19.51
CA ALA A 173 25.38 -21.25 -18.69
C ALA A 173 25.65 -20.36 -17.49
N ALA A 174 26.79 -20.57 -16.81
CA ALA A 174 27.13 -19.74 -15.67
C ALA A 174 27.38 -18.30 -16.08
N TYR A 175 27.98 -18.09 -17.25
CA TYR A 175 28.22 -16.74 -17.71
C TYR A 175 26.91 -16.02 -18.05
N ILE A 176 25.98 -16.74 -18.68
CA ILE A 176 24.67 -16.14 -18.98
C ILE A 176 23.95 -15.79 -17.68
N GLN A 177 23.97 -16.70 -16.70
CA GLN A 177 23.30 -16.44 -15.44
C GLN A 177 23.93 -15.26 -14.72
N ALA A 178 25.27 -15.13 -14.81
CA ALA A 178 25.93 -13.98 -14.21
C ALA A 178 25.56 -12.69 -14.93
N GLN A 179 25.45 -12.74 -16.26
CA GLN A 179 25.03 -11.57 -17.02
C GLN A 179 23.63 -11.13 -16.63
N PHE A 180 22.74 -12.08 -16.37
CA PHE A 180 21.39 -11.73 -15.92
C PHE A 180 21.42 -11.15 -14.50
N GLU A 181 22.08 -11.83 -13.57
CA GLU A 181 22.07 -11.40 -12.18
C GLU A 181 22.85 -10.12 -11.95
N SER A 182 23.72 -9.71 -12.90
CA SER A 182 24.48 -8.49 -12.71
C SER A 182 23.65 -7.23 -12.83
N LYS A 183 22.36 -7.34 -13.14
CA LYS A 183 21.47 -6.19 -13.25
C LYS A 183 20.69 -5.93 -11.98
N ASN A 184 21.11 -6.51 -10.86
CA ASN A 184 20.42 -6.31 -9.60
C ASN A 184 20.46 -4.84 -9.23
N ARG A 185 21.65 -4.29 -9.03
CA ARG A 185 21.88 -2.87 -8.78
C ARG A 185 21.13 -2.37 -7.54
N SER A 186 20.59 -3.27 -6.72
CA SER A 186 19.73 -2.89 -5.61
C SER A 186 19.71 -4.02 -4.60
N PRO A 187 20.67 -4.04 -3.66
CA PRO A 187 20.62 -5.01 -2.56
C PRO A 187 19.30 -4.97 -1.82
N ASN A 188 19.06 -5.97 -0.96
CA ASN A 188 17.77 -6.26 -0.33
C ASN A 188 16.82 -6.91 -1.32
N LYS A 189 17.35 -7.48 -2.40
CA LYS A 189 16.57 -8.23 -3.36
C LYS A 189 17.47 -9.27 -4.01
N GLU A 190 17.10 -10.54 -3.89
CA GLU A 190 17.89 -11.63 -4.42
C GLU A 190 17.19 -12.25 -5.63
N ILE A 191 17.96 -12.94 -6.46
CA ILE A 191 17.50 -13.48 -7.73
C ILE A 191 17.69 -15.00 -7.66
N TYR A 192 16.64 -15.72 -7.28
CA TYR A 192 16.72 -17.16 -7.03
C TYR A 192 16.74 -17.89 -8.37
N CYS A 193 17.90 -17.84 -9.02
CA CYS A 193 18.05 -18.43 -10.35
C CYS A 193 17.88 -19.95 -10.31
N HIS A 194 17.66 -20.53 -11.48
CA HIS A 194 17.44 -21.96 -11.63
C HIS A 194 17.55 -22.31 -13.11
N MET A 195 17.87 -23.57 -13.40
CA MET A 195 18.06 -24.02 -14.78
C MET A 195 17.14 -25.21 -15.03
N THR A 196 15.93 -24.92 -15.49
CA THR A 196 14.95 -25.95 -15.80
C THR A 196 15.25 -26.57 -17.15
N CYS A 197 15.29 -27.89 -17.21
CA CYS A 197 15.56 -28.56 -18.48
C CYS A 197 14.34 -28.50 -19.40
N ALA A 198 13.19 -28.09 -18.87
CA ALA A 198 11.95 -27.87 -19.61
C ALA A 198 11.38 -29.13 -20.26
N THR A 199 12.01 -30.29 -20.04
CA THR A 199 11.52 -31.54 -20.60
C THR A 199 11.20 -32.57 -19.53
N ASP A 200 12.10 -32.79 -18.58
CA ASP A 200 11.91 -33.81 -17.55
C ASP A 200 12.11 -33.21 -16.17
N THR A 201 11.50 -32.06 -15.92
CA THR A 201 11.67 -31.34 -14.67
C THR A 201 10.31 -31.14 -13.99
N ASN A 202 10.32 -31.15 -12.67
CA ASN A 202 9.15 -30.88 -11.84
C ASN A 202 9.54 -29.78 -10.86
N ASN A 203 9.24 -28.53 -11.24
CA ASN A 203 9.77 -27.36 -10.55
C ASN A 203 8.70 -26.55 -9.84
N ALA A 204 7.73 -27.22 -9.22
CA ALA A 204 6.89 -26.54 -8.24
C ALA A 204 7.61 -26.40 -6.90
N GLN A 205 8.53 -27.33 -6.61
CA GLN A 205 9.30 -27.25 -5.37
C GLN A 205 10.23 -26.06 -5.37
N VAL A 206 10.78 -25.71 -6.55
CA VAL A 206 11.66 -24.54 -6.61
C VAL A 206 10.89 -23.28 -6.27
N ILE A 207 9.71 -23.12 -6.86
CA ILE A 207 8.86 -21.98 -6.54
C ILE A 207 8.51 -21.98 -5.05
N PHE A 208 8.17 -23.15 -4.51
CA PHE A 208 7.79 -23.24 -3.11
C PHE A 208 8.92 -22.77 -2.19
N ASP A 209 10.13 -23.27 -2.44
CA ASP A 209 11.24 -22.94 -1.55
C ASP A 209 11.67 -21.49 -1.72
N ALA A 210 11.67 -20.99 -2.96
CA ALA A 210 12.02 -19.58 -3.17
C ALA A 210 11.00 -18.67 -2.51
N VAL A 211 9.71 -19.03 -2.60
CA VAL A 211 8.67 -18.21 -1.99
C VAL A 211 8.78 -18.25 -0.47
N THR A 212 9.05 -19.43 0.09
CA THR A 212 9.23 -19.52 1.54
C THR A 212 10.38 -18.65 2.00
N ASP A 213 11.50 -18.68 1.27
CA ASP A 213 12.64 -17.85 1.65
C ASP A 213 12.31 -16.37 1.52
N ILE A 214 11.56 -16.00 0.47
CA ILE A 214 11.17 -14.60 0.29
C ILE A 214 10.33 -14.12 1.45
N ILE A 215 9.35 -14.94 1.87
CA ILE A 215 8.46 -14.52 2.95
C ILE A 215 9.19 -14.49 4.29
N ILE A 216 10.08 -15.44 4.53
CA ILE A 216 10.87 -15.40 5.75
C ILE A 216 11.73 -14.15 5.80
N ALA A 217 12.34 -13.82 4.67
CA ALA A 217 13.14 -12.59 4.64
C ALA A 217 12.28 -11.36 4.86
N ASN A 218 11.05 -11.40 4.35
CA ASN A 218 10.09 -10.31 4.52
C ASN A 218 9.72 -10.13 5.99
N ASN A 219 9.52 -11.24 6.70
CA ASN A 219 9.16 -11.18 8.11
C ASN A 219 10.36 -10.77 8.96
N LEU A 220 11.61 -11.48 8.76
CA LEU A 220 12.80 -11.11 9.53
C LEU A 220 13.20 -9.67 9.32
N ARG A 221 12.85 -9.06 8.19
CA ARG A 221 13.06 -7.63 8.02
C ARG A 221 11.97 -6.82 8.68
N GLY A 222 10.77 -7.39 9.05
CA GLY A 222 9.77 -6.75 9.88
C GLY A 222 10.09 -6.71 11.35
N CYS A 223 11.07 -7.51 11.80
CA CYS A 223 11.55 -7.51 13.17
C CYS A 223 12.91 -6.83 13.30
N GLY A 224 13.17 -5.84 12.46
CA GLY A 224 14.38 -5.05 12.58
C GLY A 224 15.60 -5.55 11.86
N LEU A 225 15.77 -6.86 11.80
CA LEU A 225 16.93 -7.49 11.17
C LEU A 225 17.31 -6.90 9.83
N TYR A 226 18.49 -6.27 9.80
CA TYR A 226 19.02 -5.67 8.58
C TYR A 226 20.54 -5.71 8.60
N GLU B 3 4.56 13.82 -53.04
CA GLU B 3 3.15 13.88 -52.71
C GLU B 3 2.95 13.82 -51.19
N LEU B 4 3.76 13.00 -50.53
CA LEU B 4 3.69 12.91 -49.07
C LEU B 4 4.36 14.11 -48.42
N ASP B 5 5.54 14.48 -48.91
CA ASP B 5 6.29 15.59 -48.32
C ASP B 5 5.50 16.90 -48.42
N GLN B 6 4.85 17.15 -49.55
CA GLN B 6 4.08 18.37 -49.69
C GLN B 6 2.89 18.40 -48.74
N LEU B 7 2.26 17.24 -48.49
CA LEU B 7 1.22 17.18 -47.48
C LEU B 7 1.78 17.48 -46.10
N ARG B 8 3.00 17.01 -45.82
CA ARG B 8 3.64 17.33 -44.55
C ARG B 8 3.86 18.84 -44.41
N GLN B 9 4.34 19.49 -45.48
CA GLN B 9 4.54 20.94 -45.42
C GLN B 9 3.21 21.67 -45.25
N GLU B 10 2.16 21.20 -45.92
CA GLU B 10 0.85 21.82 -45.76
C GLU B 10 0.36 21.70 -44.32
N ALA B 11 0.54 20.51 -43.72
CA ALA B 11 0.11 20.33 -42.34
C ALA B 11 0.92 21.20 -41.39
N GLU B 12 2.23 21.32 -41.64
CA GLU B 12 3.04 22.20 -40.80
C GLU B 12 2.57 23.65 -40.90
N GLN B 13 2.35 24.13 -42.13
CA GLN B 13 1.85 25.48 -42.33
C GLN B 13 0.50 25.67 -41.64
N LEU B 14 -0.34 24.64 -41.64
CA LEU B 14 -1.64 24.76 -41.01
C LEU B 14 -1.51 24.87 -39.49
N LYS B 15 -0.63 24.07 -38.89
CA LYS B 15 -0.42 24.20 -37.46
C LYS B 15 0.21 25.54 -37.10
N ASN B 16 1.07 26.07 -37.99
CA ASN B 16 1.60 27.41 -37.75
C ASN B 16 0.49 28.45 -37.78
N GLN B 17 -0.41 28.36 -38.75
CA GLN B 17 -1.55 29.26 -38.80
C GLN B 17 -2.38 29.18 -37.52
N ILE B 18 -2.62 27.95 -37.05
CA ILE B 18 -3.38 27.77 -35.81
C ILE B 18 -2.67 28.43 -34.63
N ARG B 19 -1.36 28.21 -34.52
CA ARG B 19 -0.61 28.76 -33.39
C ARG B 19 -0.60 30.29 -33.42
N ASP B 20 -0.43 30.87 -34.61
CA ASP B 20 -0.44 32.33 -34.70
C ASP B 20 -1.83 32.90 -34.46
N ALA B 21 -2.89 32.18 -34.84
CA ALA B 21 -4.23 32.62 -34.50
C ALA B 21 -4.45 32.62 -32.99
N ARG B 22 -4.02 31.53 -32.33
CA ARG B 22 -4.15 31.47 -30.87
C ARG B 22 -3.31 32.54 -30.20
N LYS B 23 -2.18 32.91 -30.79
CA LYS B 23 -1.36 33.98 -30.23
C LYS B 23 -2.00 35.34 -30.45
N ALA B 24 -2.70 35.51 -31.57
CA ALA B 24 -3.37 36.78 -31.84
C ALA B 24 -4.60 36.97 -30.96
N CYS B 25 -5.29 35.87 -30.61
CA CYS B 25 -6.45 35.99 -29.74
C CYS B 25 -6.08 36.32 -28.30
N ALA B 26 -4.83 36.07 -27.90
CA ALA B 26 -4.39 36.28 -26.53
C ALA B 26 -3.93 37.72 -26.35
N ASP B 27 -4.77 38.54 -25.72
CA ASP B 27 -4.45 39.94 -25.45
C ASP B 27 -3.97 40.18 -24.04
N ALA B 28 -4.61 39.55 -23.05
CA ALA B 28 -4.24 39.74 -21.65
C ALA B 28 -4.27 38.39 -20.93
N THR B 29 -3.40 38.27 -19.93
CA THR B 29 -3.30 37.05 -19.16
C THR B 29 -4.35 37.02 -18.05
N LEU B 30 -4.73 35.81 -17.64
CA LEU B 30 -5.78 35.66 -16.64
C LEU B 30 -5.36 36.25 -15.30
N SER B 31 -4.09 36.07 -14.93
CA SER B 31 -3.60 36.68 -13.70
C SER B 31 -3.63 38.20 -13.78
N GLN B 32 -3.31 38.75 -14.96
CA GLN B 32 -3.36 40.20 -15.13
C GLN B 32 -4.76 40.74 -14.86
N ILE B 33 -5.78 39.97 -15.20
CA ILE B 33 -7.15 40.41 -14.97
C ILE B 33 -7.57 40.19 -13.52
N THR B 34 -7.17 39.05 -12.95
CA THR B 34 -7.65 38.65 -11.63
C THR B 34 -6.76 39.13 -10.50
N ASN B 35 -5.76 39.95 -10.78
CA ASN B 35 -4.89 40.46 -9.72
C ASN B 35 -5.67 41.29 -8.71
N ASN B 36 -6.66 42.07 -9.17
CA ASN B 36 -7.38 42.98 -8.29
C ASN B 36 -8.43 42.30 -7.42
N ILE B 37 -8.49 40.97 -7.42
CA ILE B 37 -9.46 40.26 -6.60
C ILE B 37 -8.82 39.93 -5.26
N ASP B 38 -9.61 40.02 -4.19
CA ASP B 38 -9.11 39.67 -2.87
C ASP B 38 -9.08 38.16 -2.72
N PRO B 39 -7.98 37.58 -2.24
CA PRO B 39 -7.85 36.12 -2.25
C PRO B 39 -8.71 35.47 -1.18
N VAL B 40 -8.71 34.13 -1.21
CA VAL B 40 -9.37 33.35 -0.18
C VAL B 40 -8.42 33.18 1.00
N GLY B 41 -8.98 33.21 2.20
CA GLY B 41 -8.19 32.97 3.40
C GLY B 41 -7.76 31.52 3.49
N ARG B 42 -7.00 31.23 4.55
CA ARG B 42 -6.54 29.87 4.77
C ARG B 42 -7.73 28.94 4.91
N ILE B 43 -7.71 27.83 4.17
CA ILE B 43 -8.77 26.85 4.18
C ILE B 43 -8.29 25.63 4.94
N GLN B 44 -8.96 25.32 6.05
CA GLN B 44 -8.63 24.14 6.86
C GLN B 44 -9.84 23.22 6.83
N MET B 45 -9.71 22.11 6.12
CA MET B 45 -10.75 21.09 6.12
C MET B 45 -10.40 20.01 7.13
N ARG B 46 -11.42 19.44 7.74
CA ARG B 46 -11.25 18.43 8.77
C ARG B 46 -11.88 17.12 8.32
N THR B 47 -11.22 16.02 8.63
CA THR B 47 -11.72 14.70 8.28
C THR B 47 -12.97 14.41 9.10
N ARG B 48 -14.14 14.54 8.49
CA ARG B 48 -15.37 14.26 9.21
C ARG B 48 -15.57 12.77 9.39
N ARG B 49 -15.60 12.01 8.31
CA ARG B 49 -15.81 10.57 8.36
C ARG B 49 -14.54 9.85 7.95
N THR B 50 -14.54 8.54 8.11
CA THR B 50 -13.46 7.69 7.62
C THR B 50 -14.08 6.34 7.30
N LEU B 51 -14.12 5.99 6.02
CA LEU B 51 -14.87 4.84 5.56
C LEU B 51 -13.88 3.70 5.33
N ARG B 52 -13.75 2.83 6.32
CA ARG B 52 -12.80 1.73 6.29
C ARG B 52 -13.56 0.44 6.03
N GLY B 53 -12.89 -0.54 5.46
CA GLY B 53 -13.53 -1.78 5.06
C GLY B 53 -12.97 -2.34 3.78
N HIS B 54 -12.10 -1.57 3.13
CA HIS B 54 -11.41 -2.07 1.94
C HIS B 54 -10.10 -2.72 2.35
N LEU B 55 -9.80 -3.85 1.73
CA LEU B 55 -8.62 -4.61 2.09
C LEU B 55 -7.40 -4.23 1.26
N ALA B 56 -7.58 -3.90 0.00
CA ALA B 56 -6.50 -3.53 -0.91
C ALA B 56 -6.64 -2.07 -1.30
N LYS B 57 -5.69 -1.61 -2.12
CA LYS B 57 -5.66 -0.21 -2.55
C LYS B 57 -6.97 0.17 -3.24
N ILE B 58 -7.32 1.44 -3.13
CA ILE B 58 -8.56 1.95 -3.75
C ILE B 58 -8.20 2.74 -4.99
N TYR B 59 -8.77 2.35 -6.12
CA TYR B 59 -8.40 2.92 -7.41
C TYR B 59 -9.39 3.94 -7.95
N ALA B 60 -10.66 3.87 -7.56
CA ALA B 60 -11.64 4.82 -8.04
C ALA B 60 -12.81 4.92 -7.08
N MET B 61 -13.31 6.15 -6.92
CA MET B 61 -14.57 6.40 -6.23
C MET B 61 -15.43 7.30 -7.09
N HIS B 62 -16.69 7.47 -6.70
CA HIS B 62 -17.61 8.33 -7.44
C HIS B 62 -18.81 8.64 -6.58
N TRP B 63 -19.17 9.92 -6.50
CA TRP B 63 -20.32 10.34 -5.71
C TRP B 63 -21.63 10.09 -6.45
N GLY B 64 -22.69 9.90 -5.68
CA GLY B 64 -24.01 9.83 -6.26
C GLY B 64 -24.61 11.21 -6.42
N THR B 65 -25.57 11.31 -7.35
CA THR B 65 -26.23 12.60 -7.56
C THR B 65 -27.04 13.04 -6.36
N ASP B 66 -27.57 12.10 -5.57
CA ASP B 66 -28.29 12.46 -4.36
C ASP B 66 -27.36 12.93 -3.25
N SER B 67 -26.07 13.10 -3.54
CA SER B 67 -25.08 13.68 -2.63
C SER B 67 -24.88 12.89 -1.36
N ARG B 68 -25.39 11.67 -1.29
CA ARG B 68 -25.33 10.85 -0.08
C ARG B 68 -24.51 9.59 -0.26
N LEU B 69 -24.82 8.77 -1.26
CA LEU B 69 -24.14 7.52 -1.50
C LEU B 69 -22.95 7.70 -2.44
N LEU B 70 -21.94 6.86 -2.25
CA LEU B 70 -20.77 6.89 -3.12
C LEU B 70 -20.32 5.46 -3.37
N VAL B 71 -19.66 5.25 -4.48
CA VAL B 71 -19.12 3.93 -4.84
C VAL B 71 -17.63 3.94 -4.59
N SER B 72 -17.07 2.77 -4.36
CA SER B 72 -15.62 2.61 -4.27
C SER B 72 -15.24 1.27 -4.87
N ALA B 73 -14.15 1.25 -5.63
CA ALA B 73 -13.62 0.03 -6.21
C ALA B 73 -12.18 -0.16 -5.73
N SER B 74 -11.79 -1.41 -5.54
CA SER B 74 -10.47 -1.70 -5.00
C SER B 74 -9.97 -3.00 -5.60
N GLN B 75 -8.64 -3.19 -5.53
CA GLN B 75 -8.02 -4.38 -6.09
C GLN B 75 -8.31 -5.63 -5.28
N ASP B 76 -9.00 -5.53 -4.15
CA ASP B 76 -9.44 -6.72 -3.44
C ASP B 76 -10.66 -7.36 -4.09
N GLY B 77 -11.19 -6.77 -5.15
CA GLY B 77 -12.30 -7.36 -5.86
C GLY B 77 -13.66 -6.97 -5.36
N LYS B 78 -13.74 -5.96 -4.50
CA LYS B 78 -15.00 -5.55 -3.89
C LYS B 78 -15.40 -4.16 -4.38
N LEU B 79 -16.66 -4.03 -4.74
CA LEU B 79 -17.27 -2.77 -5.18
C LEU B 79 -18.29 -2.38 -4.12
N ILE B 80 -17.87 -1.55 -3.17
CA ILE B 80 -18.69 -1.18 -2.04
C ILE B 80 -19.44 0.10 -2.36
N ILE B 81 -20.72 0.14 -2.00
CA ILE B 81 -21.58 1.32 -2.20
C ILE B 81 -21.91 1.89 -0.83
N TRP B 82 -21.12 2.84 -0.35
CA TRP B 82 -21.23 3.32 1.01
C TRP B 82 -22.43 4.24 1.19
N ASP B 83 -22.61 4.68 2.43
CA ASP B 83 -23.54 5.74 2.80
C ASP B 83 -22.76 6.74 3.64
N SER B 84 -22.33 7.83 3.03
CA SER B 84 -21.36 8.72 3.63
C SER B 84 -21.87 9.39 4.90
N TYR B 85 -23.18 9.48 5.09
CA TYR B 85 -23.69 10.17 6.28
C TYR B 85 -23.41 9.37 7.54
N THR B 86 -23.77 8.08 7.54
CA THR B 86 -23.64 7.24 8.72
C THR B 86 -22.66 6.09 8.52
N THR B 87 -21.62 6.29 7.70
CA THR B 87 -20.59 5.29 7.39
C THR B 87 -21.15 3.87 7.32
N ASN B 88 -22.21 3.71 6.53
CA ASN B 88 -23.02 2.50 6.52
C ASN B 88 -22.93 1.83 5.15
N LYS B 89 -22.32 0.66 5.11
CA LYS B 89 -22.09 -0.05 3.85
C LYS B 89 -23.42 -0.56 3.32
N VAL B 90 -23.99 0.18 2.36
CA VAL B 90 -25.28 -0.22 1.79
C VAL B 90 -25.13 -1.49 0.95
N HIS B 91 -24.00 -1.65 0.28
CA HIS B 91 -23.79 -2.79 -0.61
C HIS B 91 -22.32 -3.15 -0.65
N ALA B 92 -22.05 -4.35 -1.16
CA ALA B 92 -20.69 -4.81 -1.44
C ALA B 92 -20.80 -5.88 -2.53
N ILE B 93 -20.46 -5.50 -3.75
CA ILE B 93 -20.63 -6.35 -4.91
C ILE B 93 -19.31 -7.08 -5.17
N PRO B 94 -19.31 -8.40 -5.34
CA PRO B 94 -18.06 -9.12 -5.59
C PRO B 94 -17.70 -9.06 -7.07
N LEU B 95 -16.57 -8.45 -7.37
CA LEU B 95 -16.14 -8.28 -8.75
C LEU B 95 -15.62 -9.59 -9.32
N ARG B 96 -15.96 -9.84 -10.59
CA ARG B 96 -15.45 -11.04 -11.26
C ARG B 96 -13.95 -10.94 -11.50
N SER B 97 -13.46 -9.74 -11.78
CA SER B 97 -12.04 -9.50 -12.01
C SER B 97 -11.50 -8.59 -10.92
N SER B 98 -10.39 -9.00 -10.31
CA SER B 98 -9.83 -8.25 -9.19
C SER B 98 -9.15 -6.97 -9.65
N TRP B 99 -8.82 -6.88 -10.94
CA TRP B 99 -8.03 -5.75 -11.46
C TRP B 99 -8.99 -4.75 -12.08
N VAL B 100 -9.39 -3.75 -11.30
CA VAL B 100 -10.29 -2.71 -11.75
C VAL B 100 -9.64 -1.36 -11.52
N MET B 101 -9.90 -0.43 -12.42
CA MET B 101 -9.30 0.89 -12.35
C MET B 101 -10.29 2.03 -12.41
N THR B 102 -11.59 1.75 -12.51
CA THR B 102 -12.58 2.80 -12.61
C THR B 102 -13.92 2.30 -12.11
N CYS B 103 -14.75 3.23 -11.66
CA CYS B 103 -16.12 2.96 -11.28
C CYS B 103 -16.98 4.18 -11.62
N ALA B 104 -18.24 3.94 -11.91
CA ALA B 104 -19.16 5.00 -12.25
C ALA B 104 -20.49 4.74 -11.57
N TYR B 105 -21.25 5.81 -11.33
CA TYR B 105 -22.50 5.74 -10.61
C TYR B 105 -23.55 6.55 -11.35
N ALA B 106 -24.55 5.86 -11.88
CA ALA B 106 -25.50 6.47 -12.80
C ALA B 106 -26.19 7.66 -12.15
N PRO B 107 -26.53 8.69 -12.94
CA PRO B 107 -27.21 9.86 -12.36
C PRO B 107 -28.61 9.56 -11.89
N SER B 108 -29.13 8.36 -12.11
CA SER B 108 -30.39 7.96 -11.53
C SER B 108 -30.23 7.15 -10.25
N GLY B 109 -29.01 6.70 -9.95
CA GLY B 109 -28.78 5.90 -8.77
C GLY B 109 -29.11 4.44 -8.91
N ASN B 110 -29.50 3.99 -10.11
CA ASN B 110 -29.99 2.63 -10.30
C ASN B 110 -28.92 1.67 -10.79
N TYR B 111 -27.86 2.15 -11.42
CA TYR B 111 -26.83 1.27 -11.97
C TYR B 111 -25.47 1.67 -11.45
N VAL B 112 -24.54 0.72 -11.51
CA VAL B 112 -23.13 0.97 -11.21
C VAL B 112 -22.30 0.24 -12.25
N ALA B 113 -21.25 0.89 -12.75
CA ALA B 113 -20.36 0.31 -13.74
C ALA B 113 -18.97 0.14 -13.17
N CYS B 114 -18.23 -0.83 -13.72
CA CYS B 114 -16.87 -1.09 -13.29
C CYS B 114 -16.11 -1.75 -14.43
N GLY B 115 -14.80 -1.51 -14.47
CA GLY B 115 -13.96 -2.10 -15.49
C GLY B 115 -12.50 -1.86 -15.18
N GLY B 116 -11.64 -2.54 -15.93
CA GLY B 116 -10.22 -2.43 -15.70
C GLY B 116 -9.38 -3.24 -16.67
N LEU B 117 -8.38 -3.95 -16.13
CA LEU B 117 -7.46 -4.71 -16.98
C LEU B 117 -8.15 -5.86 -17.71
N ASP B 118 -9.39 -6.20 -17.38
CA ASP B 118 -10.06 -7.28 -18.07
C ASP B 118 -10.74 -6.82 -19.36
N ASN B 119 -10.55 -5.55 -19.74
CA ASN B 119 -11.03 -4.99 -20.99
C ASN B 119 -12.54 -5.04 -21.14
N ILE B 120 -13.28 -5.03 -20.04
CA ILE B 120 -14.74 -5.14 -20.07
C ILE B 120 -15.32 -4.14 -19.08
N CYS B 121 -16.43 -3.52 -19.46
CA CYS B 121 -17.18 -2.60 -18.59
C CYS B 121 -18.48 -3.29 -18.21
N SER B 122 -18.50 -3.94 -17.05
CA SER B 122 -19.69 -4.61 -16.58
C SER B 122 -20.65 -3.59 -15.97
N ILE B 123 -21.95 -3.85 -16.10
CA ILE B 123 -22.98 -2.98 -15.55
C ILE B 123 -23.76 -3.75 -14.50
N TYR B 124 -23.61 -3.35 -13.24
CA TYR B 124 -24.27 -4.02 -12.12
C TYR B 124 -25.57 -3.29 -11.80
N ASN B 125 -26.68 -4.01 -11.89
CA ASN B 125 -27.97 -3.45 -11.52
C ASN B 125 -28.03 -3.29 -10.00
N LEU B 126 -28.90 -2.38 -9.54
CA LEU B 126 -29.06 -2.15 -8.11
C LEU B 126 -30.49 -2.24 -7.63
N LYS B 127 -31.45 -1.76 -8.41
CA LYS B 127 -32.86 -1.77 -8.00
C LYS B 127 -33.56 -3.05 -8.43
N THR B 128 -32.98 -4.20 -8.07
CA THR B 128 -33.59 -5.47 -8.40
C THR B 128 -34.79 -5.75 -7.49
N ARG B 129 -35.71 -6.56 -8.00
CA ARG B 129 -36.85 -6.97 -7.19
C ARG B 129 -36.40 -7.72 -5.95
N GLU B 130 -35.62 -8.78 -6.14
CA GLU B 130 -35.06 -9.51 -5.02
C GLU B 130 -33.85 -8.78 -4.45
N GLY B 131 -33.35 -9.27 -3.33
CA GLY B 131 -32.18 -8.70 -2.71
C GLY B 131 -30.87 -9.21 -3.29
N ASN B 132 -30.55 -8.76 -4.51
CA ASN B 132 -29.34 -9.21 -5.18
C ASN B 132 -28.91 -8.16 -6.19
N VAL B 133 -27.63 -8.23 -6.57
CA VAL B 133 -27.06 -7.34 -7.56
C VAL B 133 -26.43 -8.16 -8.68
N ARG B 134 -27.21 -8.43 -9.72
CA ARG B 134 -26.74 -9.30 -10.79
C ARG B 134 -26.05 -8.48 -11.89
N VAL B 135 -25.06 -9.09 -12.53
CA VAL B 135 -24.36 -8.44 -13.62
C VAL B 135 -25.34 -8.33 -14.79
N SER B 136 -25.80 -7.11 -15.07
CA SER B 136 -26.82 -6.93 -16.09
C SER B 136 -26.28 -7.23 -17.49
N ARG B 137 -25.27 -6.48 -17.92
CA ARG B 137 -24.72 -6.65 -19.25
C ARG B 137 -23.25 -6.28 -19.24
N GLU B 138 -22.42 -7.19 -19.74
CA GLU B 138 -21.00 -6.94 -19.90
C GLU B 138 -20.73 -6.33 -21.27
N LEU B 139 -19.96 -5.26 -21.30
CA LEU B 139 -19.62 -4.56 -22.54
C LEU B 139 -18.18 -4.87 -22.90
N ALA B 140 -18.00 -5.62 -23.99
CA ALA B 140 -16.67 -6.03 -24.44
C ALA B 140 -16.51 -5.70 -25.91
N GLY B 141 -15.84 -4.58 -26.19
CA GLY B 141 -15.50 -4.22 -27.55
C GLY B 141 -14.15 -3.53 -27.66
N HIS B 142 -13.41 -3.50 -26.57
CA HIS B 142 -12.12 -2.81 -26.52
C HIS B 142 -10.99 -3.82 -26.56
N THR B 143 -9.84 -3.36 -27.04
CA THR B 143 -8.62 -4.15 -27.03
C THR B 143 -7.59 -3.61 -26.05
N GLY B 144 -8.03 -2.88 -25.03
CA GLY B 144 -7.13 -2.36 -24.02
C GLY B 144 -7.90 -2.06 -22.75
N TYR B 145 -7.15 -1.96 -21.66
CA TYR B 145 -7.76 -1.75 -20.35
C TYR B 145 -8.60 -0.49 -20.35
N LEU B 146 -9.69 -0.50 -19.59
CA LEU B 146 -10.55 0.66 -19.46
C LEU B 146 -10.04 1.56 -18.35
N SER B 147 -9.83 2.83 -18.66
CA SER B 147 -9.30 3.77 -17.70
C SER B 147 -10.34 4.70 -17.10
N CYS B 148 -11.51 4.82 -17.72
CA CYS B 148 -12.57 5.66 -17.19
C CYS B 148 -13.87 5.32 -17.88
N CYS B 149 -14.97 5.60 -17.20
CA CYS B 149 -16.31 5.45 -17.75
C CYS B 149 -17.22 6.46 -17.07
N ARG B 150 -18.27 6.88 -17.78
CA ARG B 150 -19.17 7.91 -17.28
C ARG B 150 -20.54 7.70 -17.89
N PHE B 151 -21.56 7.57 -17.05
CA PHE B 151 -22.92 7.40 -17.55
C PHE B 151 -23.43 8.69 -18.16
N LEU B 152 -24.11 8.58 -19.30
CA LEU B 152 -24.87 9.72 -19.82
C LEU B 152 -26.29 9.69 -19.25
N ASP B 153 -27.02 8.63 -19.55
CA ASP B 153 -28.29 8.29 -18.92
C ASP B 153 -28.11 6.96 -18.20
N ASP B 154 -29.20 6.39 -17.73
CA ASP B 154 -29.13 5.01 -17.26
C ASP B 154 -29.23 4.01 -18.41
N ASN B 155 -29.00 4.44 -19.64
CA ASN B 155 -29.08 3.58 -20.81
C ASN B 155 -27.93 3.80 -21.81
N GLN B 156 -27.03 4.73 -21.54
CA GLN B 156 -25.88 4.99 -22.39
C GLN B 156 -24.67 5.30 -21.54
N ILE B 157 -23.52 4.75 -21.92
CA ILE B 157 -22.28 4.96 -21.17
C ILE B 157 -21.15 5.21 -22.17
N VAL B 158 -20.35 6.23 -21.89
CA VAL B 158 -19.16 6.53 -22.69
C VAL B 158 -17.93 6.14 -21.89
N THR B 159 -17.09 5.29 -22.48
CA THR B 159 -15.92 4.75 -21.80
C THR B 159 -14.67 4.99 -22.63
N SER B 160 -13.58 5.29 -21.95
CA SER B 160 -12.27 5.37 -22.57
C SER B 160 -11.50 4.09 -22.27
N SER B 161 -10.37 3.91 -22.95
CA SER B 161 -9.61 2.68 -22.78
C SER B 161 -8.15 2.92 -23.15
N GLY B 162 -7.36 1.87 -22.99
CA GLY B 162 -5.95 1.90 -23.30
C GLY B 162 -5.60 1.53 -24.73
N ASP B 163 -6.61 1.34 -25.58
CA ASP B 163 -6.37 1.11 -27.00
C ASP B 163 -6.51 2.40 -27.82
N THR B 164 -6.40 3.56 -27.16
CA THR B 164 -6.38 4.90 -27.74
C THR B 164 -7.74 5.39 -28.21
N THR B 165 -8.81 4.62 -28.03
CA THR B 165 -10.12 4.99 -28.56
C THR B 165 -11.18 4.95 -27.48
N CYS B 166 -11.95 6.02 -27.38
CA CYS B 166 -13.16 6.06 -26.57
C CYS B 166 -14.34 5.53 -27.39
N ALA B 167 -15.40 5.16 -26.70
CA ALA B 167 -16.53 4.51 -27.35
C ALA B 167 -17.80 4.73 -26.56
N LEU B 168 -18.84 5.19 -27.25
CA LEU B 168 -20.16 5.38 -26.65
C LEU B 168 -20.99 4.13 -26.88
N TRP B 169 -21.46 3.52 -25.80
CA TRP B 169 -22.16 2.25 -25.85
C TRP B 169 -23.65 2.44 -25.68
N ASP B 170 -24.40 1.38 -25.96
CA ASP B 170 -25.82 1.29 -25.66
C ASP B 170 -26.04 0.14 -24.68
N ILE B 171 -26.12 0.45 -23.39
CA ILE B 171 -26.19 -0.56 -22.36
C ILE B 171 -27.34 -1.55 -22.59
N GLU B 172 -28.36 -1.15 -23.34
CA GLU B 172 -29.46 -2.07 -23.60
C GLU B 172 -29.07 -3.11 -24.65
N THR B 173 -28.48 -2.67 -25.76
CA THR B 173 -28.06 -3.61 -26.80
C THR B 173 -26.79 -4.34 -26.39
N GLY B 174 -25.71 -3.60 -26.17
CA GLY B 174 -24.43 -4.16 -25.82
C GLY B 174 -23.33 -3.87 -26.80
N GLN B 175 -23.59 -3.09 -27.83
CA GLN B 175 -22.62 -2.79 -28.87
C GLN B 175 -22.35 -1.30 -28.93
N GLN B 176 -21.19 -0.95 -29.48
CA GLN B 176 -20.80 0.46 -29.61
C GLN B 176 -21.74 1.18 -30.56
N THR B 177 -22.25 2.32 -30.13
CA THR B 177 -23.05 3.18 -31.00
C THR B 177 -22.19 4.18 -31.75
N THR B 178 -21.01 4.51 -31.23
CA THR B 178 -20.07 5.38 -31.89
C THR B 178 -18.67 4.99 -31.42
N THR B 179 -17.66 5.51 -32.10
CA THR B 179 -16.26 5.30 -31.73
C THR B 179 -15.51 6.61 -31.91
N PHE B 180 -14.87 7.07 -30.85
CA PHE B 180 -14.16 8.35 -30.85
C PHE B 180 -12.66 8.07 -30.96
N THR B 181 -12.15 8.17 -32.18
CA THR B 181 -10.74 7.88 -32.45
C THR B 181 -10.05 9.12 -32.98
N GLY B 182 -8.74 9.16 -32.81
CA GLY B 182 -7.96 10.33 -33.19
C GLY B 182 -6.82 10.58 -32.23
N HIS B 183 -6.79 9.84 -31.12
CA HIS B 183 -5.72 9.97 -30.16
C HIS B 183 -4.51 9.18 -30.62
N THR B 184 -3.33 9.63 -30.20
CA THR B 184 -2.10 8.89 -30.47
C THR B 184 -1.76 7.93 -29.33
N GLY B 185 -1.58 8.45 -28.13
CA GLY B 185 -1.46 7.61 -26.97
C GLY B 185 -2.80 7.05 -26.53
N ASP B 186 -2.76 6.27 -25.46
CA ASP B 186 -3.99 5.68 -24.96
C ASP B 186 -4.72 6.63 -24.02
N VAL B 187 -6.05 6.62 -24.08
CA VAL B 187 -6.87 7.57 -23.33
C VAL B 187 -6.87 7.17 -21.86
N MET B 188 -6.50 8.11 -20.99
CA MET B 188 -6.41 7.83 -19.56
C MET B 188 -7.61 8.31 -18.76
N SER B 189 -8.29 9.37 -19.20
CA SER B 189 -9.40 9.90 -18.42
C SER B 189 -10.29 10.72 -19.32
N LEU B 190 -11.57 10.79 -18.95
CA LEU B 190 -12.53 11.65 -19.64
C LEU B 190 -13.37 12.37 -18.60
N SER B 191 -14.14 13.35 -19.07
CA SER B 191 -14.97 14.16 -18.20
C SER B 191 -16.18 14.65 -18.98
N LEU B 192 -17.37 14.39 -18.46
CA LEU B 192 -18.59 14.76 -19.16
C LEU B 192 -18.93 16.23 -18.91
N ALA B 193 -19.58 16.83 -19.90
CA ALA B 193 -20.03 18.20 -19.77
C ALA B 193 -21.30 18.27 -18.94
N PRO B 194 -21.54 19.39 -18.26
CA PRO B 194 -22.76 19.51 -17.45
C PRO B 194 -24.04 19.22 -18.22
N ASP B 195 -24.09 19.56 -19.51
CA ASP B 195 -25.26 19.25 -20.33
C ASP B 195 -25.14 17.91 -21.04
N THR B 196 -24.11 17.13 -20.74
CA THR B 196 -23.90 15.79 -21.30
C THR B 196 -23.98 15.75 -22.82
N ARG B 197 -23.61 16.84 -23.49
CA ARG B 197 -23.55 16.85 -24.94
C ARG B 197 -22.12 16.77 -25.45
N LEU B 198 -21.16 17.29 -24.69
CA LEU B 198 -19.75 17.24 -25.04
C LEU B 198 -19.00 16.47 -23.95
N PHE B 199 -17.73 16.16 -24.23
CA PHE B 199 -16.85 15.61 -23.21
C PHE B 199 -15.42 15.71 -23.68
N VAL B 200 -14.53 15.94 -22.74
CA VAL B 200 -13.10 16.02 -23.00
C VAL B 200 -12.46 14.70 -22.62
N SER B 201 -11.21 14.51 -23.04
CA SER B 201 -10.49 13.28 -22.76
C SER B 201 -8.99 13.56 -22.82
N GLY B 202 -8.26 13.01 -21.86
CA GLY B 202 -6.82 13.14 -21.83
C GLY B 202 -6.16 11.81 -22.13
N ALA B 203 -4.98 11.87 -22.74
CA ALA B 203 -4.25 10.68 -23.14
C ALA B 203 -2.77 10.85 -22.80
N CYS B 204 -2.01 9.78 -23.01
CA CYS B 204 -0.59 9.80 -22.72
C CYS B 204 0.23 10.47 -23.81
N ASP B 205 -0.39 10.95 -24.89
CA ASP B 205 0.32 11.79 -25.83
C ASP B 205 0.29 13.25 -25.44
N ALA B 206 -0.04 13.57 -24.19
CA ALA B 206 -0.03 14.92 -23.65
C ALA B 206 -0.96 15.86 -24.40
N SER B 207 -2.13 15.36 -24.82
CA SER B 207 -3.12 16.17 -25.51
C SER B 207 -4.51 15.88 -24.97
N ALA B 208 -5.30 16.93 -24.84
CA ALA B 208 -6.69 16.81 -24.40
C ALA B 208 -7.58 17.29 -25.53
N LYS B 209 -8.53 16.46 -25.93
CA LYS B 209 -9.38 16.73 -27.09
C LYS B 209 -10.83 16.82 -26.67
N LEU B 210 -11.55 17.78 -27.25
CA LEU B 210 -12.98 17.93 -27.01
C LEU B 210 -13.75 17.13 -28.05
N TRP B 211 -14.71 16.35 -27.58
CA TRP B 211 -15.46 15.44 -28.43
C TRP B 211 -16.93 15.81 -28.43
N ASP B 212 -17.59 15.56 -29.56
CA ASP B 212 -19.03 15.75 -29.68
C ASP B 212 -19.71 14.39 -29.61
N VAL B 213 -20.72 14.28 -28.76
CA VAL B 213 -21.33 12.97 -28.49
C VAL B 213 -22.17 12.52 -29.67
N ARG B 214 -23.11 13.36 -30.10
CA ARG B 214 -24.03 12.95 -31.16
C ARG B 214 -23.31 12.85 -32.50
N GLU B 215 -22.30 13.69 -32.73
CA GLU B 215 -21.59 13.73 -34.00
C GLU B 215 -20.48 12.69 -34.10
N GLY B 216 -19.90 12.28 -32.97
CA GLY B 216 -18.82 11.32 -32.99
C GLY B 216 -17.50 11.86 -33.49
N MET B 217 -17.39 13.16 -33.75
CA MET B 217 -16.19 13.77 -34.29
C MET B 217 -15.50 14.61 -33.22
N CYS B 218 -14.21 14.83 -33.42
CA CYS B 218 -13.47 15.74 -32.56
C CYS B 218 -13.72 17.18 -32.99
N ARG B 219 -13.66 18.09 -32.02
CA ARG B 219 -13.90 19.50 -32.28
C ARG B 219 -12.64 20.34 -32.11
N GLN B 220 -11.97 20.24 -30.97
CA GLN B 220 -10.77 21.02 -30.70
C GLN B 220 -9.74 20.12 -30.02
N THR B 221 -8.52 20.63 -29.91
CA THR B 221 -7.43 19.92 -29.26
C THR B 221 -6.56 20.92 -28.53
N PHE B 222 -5.96 20.49 -27.42
CA PHE B 222 -5.13 21.35 -26.59
C PHE B 222 -3.84 20.62 -26.26
N THR B 223 -2.72 21.34 -26.34
CA THR B 223 -1.41 20.77 -26.05
C THR B 223 -0.61 21.81 -25.26
N GLY B 224 -0.58 21.66 -23.94
CA GLY B 224 0.26 22.48 -23.11
C GLY B 224 1.20 21.67 -22.24
N HIS B 225 0.81 20.43 -21.98
CA HIS B 225 1.55 19.59 -21.04
C HIS B 225 2.72 18.91 -21.75
N GLU B 226 3.67 18.45 -20.94
CA GLU B 226 4.80 17.67 -21.44
C GLU B 226 4.59 16.17 -21.24
N SER B 227 4.29 15.76 -20.02
CA SER B 227 4.15 14.36 -19.67
C SER B 227 2.71 13.89 -19.84
N ASP B 228 2.42 12.70 -19.31
CA ASP B 228 1.12 12.08 -19.50
C ASP B 228 0.02 12.91 -18.84
N ILE B 229 -1.22 12.69 -19.25
CA ILE B 229 -2.36 13.33 -18.60
C ILE B 229 -3.17 12.27 -17.87
N ASN B 230 -3.27 12.41 -16.56
CA ASN B 230 -3.97 11.44 -15.71
C ASN B 230 -5.38 11.87 -15.34
N ALA B 231 -5.61 13.16 -15.12
CA ALA B 231 -6.88 13.65 -14.60
C ALA B 231 -7.41 14.78 -15.45
N ILE B 232 -8.74 14.86 -15.52
CA ILE B 232 -9.40 15.92 -16.27
C ILE B 232 -10.77 16.15 -15.64
N CYS B 233 -11.22 17.41 -15.65
CA CYS B 233 -12.50 17.76 -15.06
C CYS B 233 -13.02 19.04 -15.67
N PHE B 234 -14.27 19.03 -16.11
CA PHE B 234 -14.90 20.22 -16.67
C PHE B 234 -15.08 21.31 -15.62
N PHE B 235 -15.25 22.54 -16.09
CA PHE B 235 -15.65 23.64 -15.23
C PHE B 235 -17.15 23.59 -15.00
N PRO B 236 -17.64 24.04 -13.85
CA PRO B 236 -19.08 23.91 -13.54
C PRO B 236 -20.02 24.47 -14.59
N ASN B 237 -19.59 25.44 -15.39
CA ASN B 237 -20.45 25.99 -16.43
C ASN B 237 -20.15 25.42 -17.81
N GLY B 238 -19.27 24.42 -17.90
CA GLY B 238 -19.05 23.72 -19.15
C GLY B 238 -18.29 24.47 -20.21
N ASN B 239 -17.61 25.56 -19.86
CA ASN B 239 -16.84 26.34 -20.82
C ASN B 239 -15.36 26.42 -20.47
N ALA B 240 -14.85 25.45 -19.72
CA ALA B 240 -13.44 25.36 -19.38
C ALA B 240 -13.20 24.02 -18.72
N PHE B 241 -11.92 23.68 -18.54
CA PHE B 241 -11.57 22.46 -17.82
C PHE B 241 -10.13 22.53 -17.40
N ALA B 242 -9.81 21.85 -16.30
CA ALA B 242 -8.44 21.71 -15.84
C ALA B 242 -8.01 20.26 -16.04
N THR B 243 -6.70 20.06 -16.19
CA THR B 243 -6.14 18.72 -16.35
C THR B 243 -5.00 18.51 -15.39
N GLY B 244 -4.55 17.27 -15.27
CA GLY B 244 -3.44 16.92 -14.42
C GLY B 244 -2.44 16.08 -15.19
N SER B 245 -1.16 16.26 -14.87
CA SER B 245 -0.10 15.62 -15.63
C SER B 245 1.01 15.17 -14.69
N ASP B 246 1.85 14.27 -15.20
CA ASP B 246 3.01 13.80 -14.46
C ASP B 246 4.11 14.86 -14.36
N ASP B 247 3.91 16.03 -14.97
CA ASP B 247 4.88 17.11 -14.85
C ASP B 247 4.74 17.89 -13.54
N ALA B 248 3.81 17.49 -12.68
CA ALA B 248 3.52 18.11 -11.39
C ALA B 248 2.85 19.47 -11.53
N THR B 249 2.18 19.73 -12.66
CA THR B 249 1.44 20.97 -12.86
C THR B 249 0.05 20.66 -13.37
N CYS B 250 -0.92 21.48 -12.99
CA CYS B 250 -2.24 21.49 -13.59
C CYS B 250 -2.40 22.73 -14.46
N ARG B 251 -3.19 22.60 -15.51
CA ARG B 251 -3.38 23.70 -16.45
C ARG B 251 -4.86 23.87 -16.74
N LEU B 252 -5.32 25.12 -16.76
CA LEU B 252 -6.70 25.45 -17.07
C LEU B 252 -6.80 25.82 -18.54
N PHE B 253 -7.61 25.07 -19.28
CA PHE B 253 -7.85 25.33 -20.69
C PHE B 253 -9.24 25.92 -20.87
N ASP B 254 -9.45 26.56 -22.02
CA ASP B 254 -10.72 27.22 -22.32
C ASP B 254 -11.25 26.71 -23.66
N LEU B 255 -12.57 26.50 -23.71
CA LEU B 255 -13.20 26.01 -24.92
C LEU B 255 -13.49 27.12 -25.93
N ARG B 256 -13.43 28.38 -25.52
CA ARG B 256 -13.64 29.50 -26.42
C ARG B 256 -12.34 30.12 -26.91
N ALA B 257 -11.47 30.55 -25.99
CA ALA B 257 -10.16 31.07 -26.40
C ALA B 257 -9.28 29.98 -27.00
N ASP B 258 -9.64 28.71 -26.81
CA ASP B 258 -8.99 27.57 -27.46
C ASP B 258 -7.53 27.42 -27.02
N GLN B 259 -7.18 27.96 -25.86
CA GLN B 259 -5.79 27.87 -25.40
C GLN B 259 -5.77 27.85 -23.88
N GLU B 260 -4.60 27.50 -23.35
CA GLU B 260 -4.42 27.42 -21.91
C GLU B 260 -4.52 28.81 -21.29
N LEU B 261 -5.24 28.90 -20.17
CA LEU B 261 -5.43 30.17 -19.48
C LEU B 261 -4.46 30.37 -18.34
N MET B 262 -4.16 29.33 -17.57
CA MET B 262 -3.30 29.49 -16.41
C MET B 262 -2.64 28.16 -16.08
N THR B 263 -1.55 28.22 -15.32
CA THR B 263 -0.80 27.06 -14.89
C THR B 263 -0.67 27.04 -13.38
N TYR B 264 -0.70 25.83 -12.82
CA TYR B 264 -0.71 25.63 -11.36
C TYR B 264 0.50 24.80 -10.99
N SER B 265 1.59 25.46 -10.62
CA SER B 265 2.84 24.78 -10.31
C SER B 265 3.47 25.36 -9.06
N HIS B 266 4.34 24.57 -8.44
CA HIS B 266 5.08 24.99 -7.27
C HIS B 266 6.38 24.21 -7.21
N ASP B 267 7.43 24.86 -6.71
CA ASP B 267 8.75 24.23 -6.72
C ASP B 267 8.81 23.02 -5.79
N ASN B 268 8.11 23.06 -4.66
CA ASN B 268 8.09 21.95 -3.73
C ASN B 268 7.25 20.79 -4.21
N ILE B 269 6.81 20.79 -5.47
CA ILE B 269 5.92 19.78 -6.02
C ILE B 269 6.56 19.20 -7.27
N ILE B 270 6.94 17.92 -7.19
CA ILE B 270 7.52 17.23 -8.34
C ILE B 270 6.84 15.89 -8.53
N CYS B 271 5.70 15.70 -7.87
CA CYS B 271 4.93 14.47 -7.99
C CYS B 271 3.81 14.65 -9.01
N GLY B 272 3.39 13.55 -9.62
CA GLY B 272 2.37 13.62 -10.64
C GLY B 272 0.96 13.71 -10.07
N ILE B 273 0.17 14.60 -10.65
CA ILE B 273 -1.22 14.77 -10.26
C ILE B 273 -1.99 13.50 -10.58
N THR B 274 -2.73 12.99 -9.61
CA THR B 274 -3.49 11.76 -9.78
C THR B 274 -4.98 12.00 -10.03
N SER B 275 -5.55 13.08 -9.49
CA SER B 275 -6.94 13.40 -9.73
C SER B 275 -7.13 14.90 -9.59
N VAL B 276 -8.18 15.42 -10.25
CA VAL B 276 -8.57 16.83 -10.10
C VAL B 276 -10.08 16.90 -10.01
N SER B 277 -10.57 17.97 -9.38
CA SER B 277 -12.00 18.21 -9.25
C SER B 277 -12.21 19.67 -8.85
N PHE B 278 -13.31 20.24 -9.31
CA PHE B 278 -13.67 21.60 -8.96
C PHE B 278 -14.65 21.64 -7.80
N SER B 279 -14.77 22.82 -7.19
CA SER B 279 -15.75 23.08 -6.16
C SER B 279 -17.12 23.33 -6.81
N LYS B 280 -18.05 23.83 -6.00
CA LYS B 280 -19.41 24.03 -6.48
C LYS B 280 -19.51 25.26 -7.37
N SER B 281 -18.76 26.31 -7.05
CA SER B 281 -18.74 27.52 -7.85
C SER B 281 -17.52 27.63 -8.75
N GLY B 282 -16.62 26.66 -8.70
CA GLY B 282 -15.43 26.71 -9.51
C GLY B 282 -14.31 27.58 -8.98
N ARG B 283 -14.40 28.02 -7.73
CA ARG B 283 -13.35 28.87 -7.19
C ARG B 283 -12.17 28.06 -6.68
N LEU B 284 -12.42 26.83 -6.23
CA LEU B 284 -11.36 25.96 -5.74
C LEU B 284 -11.08 24.86 -6.75
N LEU B 285 -9.81 24.51 -6.90
CA LEU B 285 -9.36 23.45 -7.80
C LEU B 285 -8.62 22.43 -6.94
N LEU B 286 -9.27 21.31 -6.66
CA LEU B 286 -8.67 20.27 -5.85
C LEU B 286 -7.87 19.32 -6.73
N ALA B 287 -6.74 18.85 -6.20
CA ALA B 287 -5.87 17.98 -6.98
C ALA B 287 -5.11 17.06 -6.04
N GLY B 288 -5.29 15.76 -6.22
CA GLY B 288 -4.59 14.78 -5.39
C GLY B 288 -3.28 14.36 -6.04
N TYR B 289 -2.22 14.33 -5.24
CA TYR B 289 -0.87 14.15 -5.74
C TYR B 289 -0.30 12.81 -5.34
N ASP B 290 0.98 12.61 -5.64
CA ASP B 290 1.67 11.37 -5.31
C ASP B 290 2.49 11.47 -4.03
N ASP B 291 2.67 12.67 -3.49
CA ASP B 291 3.29 12.81 -2.17
C ASP B 291 2.31 12.54 -1.04
N PHE B 292 1.16 11.94 -1.34
CA PHE B 292 0.10 11.50 -0.45
C PHE B 292 -0.78 12.66 -0.01
N ASN B 293 -0.47 13.89 -0.41
CA ASN B 293 -1.26 15.06 -0.04
C ASN B 293 -2.31 15.36 -1.09
N CYS B 294 -3.18 16.31 -0.78
CA CYS B 294 -4.25 16.74 -1.67
C CYS B 294 -4.33 18.27 -1.61
N ASN B 295 -3.63 18.93 -2.52
CA ASN B 295 -3.56 20.39 -2.50
C ASN B 295 -4.84 20.99 -3.04
N VAL B 296 -5.30 22.05 -2.39
CA VAL B 296 -6.51 22.76 -2.77
C VAL B 296 -6.07 24.11 -3.35
N TRP B 297 -6.13 24.24 -4.66
CA TRP B 297 -5.59 25.41 -5.34
C TRP B 297 -6.62 26.52 -5.40
N ASP B 298 -6.15 27.72 -5.70
CA ASP B 298 -7.02 28.87 -5.91
C ASP B 298 -7.21 29.06 -7.41
N ALA B 299 -8.34 28.58 -7.93
CA ALA B 299 -8.54 28.46 -9.37
C ALA B 299 -8.43 29.77 -10.13
N LEU B 300 -8.35 30.91 -9.44
CA LEU B 300 -8.22 32.19 -10.10
C LEU B 300 -6.95 32.95 -9.75
N LYS B 301 -6.23 32.53 -8.70
CA LYS B 301 -5.02 33.20 -8.27
C LYS B 301 -3.77 32.33 -8.39
N ALA B 302 -3.93 31.03 -8.57
CA ALA B 302 -2.84 30.06 -8.63
C ALA B 302 -2.04 29.97 -7.34
N ASP B 303 -2.56 30.49 -6.23
CA ASP B 303 -1.91 30.38 -4.94
C ASP B 303 -2.38 29.14 -4.22
N ARG B 304 -1.45 28.45 -3.56
CA ARG B 304 -1.77 27.21 -2.87
C ARG B 304 -2.55 27.56 -1.60
N ALA B 305 -3.87 27.47 -1.69
CA ALA B 305 -4.73 27.86 -0.58
C ALA B 305 -4.50 26.98 0.65
N GLY B 306 -4.79 25.68 0.52
CA GLY B 306 -4.65 24.78 1.65
C GLY B 306 -4.27 23.39 1.20
N VAL B 307 -3.91 22.56 2.18
CA VAL B 307 -3.49 21.19 1.95
C VAL B 307 -4.31 20.28 2.85
N LEU B 308 -4.63 19.09 2.35
CA LEU B 308 -5.36 18.08 3.10
C LEU B 308 -4.43 16.87 3.25
N ALA B 309 -3.60 16.90 4.28
CA ALA B 309 -2.62 15.85 4.52
C ALA B 309 -3.20 14.88 5.55
N GLY B 310 -3.81 13.80 5.07
CA GLY B 310 -4.44 12.86 5.97
C GLY B 310 -4.31 11.41 5.55
N HIS B 311 -3.49 11.15 4.53
CA HIS B 311 -3.34 9.81 3.97
C HIS B 311 -1.90 9.35 4.10
N ASP B 312 -1.72 8.04 4.25
CA ASP B 312 -0.39 7.47 4.39
C ASP B 312 0.19 6.97 3.08
N ASN B 313 -0.64 6.81 2.05
CA ASN B 313 -0.17 6.37 0.74
C ASN B 313 -0.73 7.32 -0.33
N ARG B 314 -0.43 6.99 -1.58
CA ARG B 314 -0.86 7.80 -2.72
C ARG B 314 -2.37 8.00 -2.72
N VAL B 315 -2.81 9.21 -3.02
CA VAL B 315 -4.24 9.51 -3.12
C VAL B 315 -4.69 9.35 -4.56
N SER B 316 -5.45 8.28 -4.82
CA SER B 316 -5.71 7.88 -6.20
C SER B 316 -6.96 8.54 -6.79
N CYS B 317 -8.03 8.67 -6.02
CA CYS B 317 -9.28 9.20 -6.52
C CYS B 317 -9.71 10.39 -5.66
N LEU B 318 -10.64 11.18 -6.18
CA LEU B 318 -11.00 12.44 -5.54
C LEU B 318 -12.29 12.94 -6.18
N GLY B 319 -13.28 13.29 -5.35
CA GLY B 319 -14.52 13.80 -5.89
C GLY B 319 -15.29 14.74 -4.98
N VAL B 320 -15.63 15.91 -5.47
CA VAL B 320 -16.45 16.89 -4.76
C VAL B 320 -17.91 16.50 -4.92
N THR B 321 -18.69 16.67 -3.85
CA THR B 321 -20.09 16.28 -3.87
C THR B 321 -20.84 17.12 -4.90
N ASP B 322 -21.93 16.54 -5.43
CA ASP B 322 -22.66 17.21 -6.50
C ASP B 322 -23.33 18.49 -6.03
N ASP B 323 -23.54 18.65 -4.72
CA ASP B 323 -24.06 19.90 -4.20
C ASP B 323 -23.01 20.73 -3.50
N GLY B 324 -21.75 20.31 -3.51
CA GLY B 324 -20.67 21.11 -2.98
C GLY B 324 -20.46 21.00 -1.49
N MET B 325 -20.92 19.93 -0.86
CA MET B 325 -20.84 19.84 0.59
C MET B 325 -19.49 19.31 1.05
N ALA B 326 -19.03 18.19 0.49
CA ALA B 326 -17.86 17.51 1.02
C ALA B 326 -16.97 17.05 -0.13
N VAL B 327 -15.77 16.60 0.23
CA VAL B 327 -14.77 16.09 -0.70
C VAL B 327 -14.28 14.75 -0.18
N ALA B 328 -14.47 13.70 -0.96
CA ALA B 328 -14.09 12.34 -0.56
C ALA B 328 -12.87 11.90 -1.35
N THR B 329 -11.74 11.75 -0.66
CA THR B 329 -10.47 11.41 -1.29
C THR B 329 -10.08 9.99 -0.89
N GLY B 330 -10.27 9.03 -1.80
CA GLY B 330 -9.77 7.69 -1.63
C GLY B 330 -8.26 7.67 -1.72
N SER B 331 -7.67 6.52 -1.40
CA SER B 331 -6.21 6.39 -1.44
C SER B 331 -5.82 4.93 -1.54
N TRP B 332 -4.51 4.72 -1.69
CA TRP B 332 -3.98 3.36 -1.80
C TRP B 332 -3.83 2.65 -0.46
N ASP B 333 -3.87 3.37 0.66
CA ASP B 333 -3.89 2.67 1.94
C ASP B 333 -5.28 2.20 2.33
N SER B 334 -6.25 2.29 1.42
CA SER B 334 -7.60 1.73 1.50
C SER B 334 -8.52 2.46 2.46
N PHE B 335 -8.30 3.73 2.75
CA PHE B 335 -9.13 4.49 3.67
C PHE B 335 -9.66 5.74 2.97
N LEU B 336 -10.91 5.70 2.56
CA LEU B 336 -11.56 6.93 2.10
C LEU B 336 -11.77 7.85 3.29
N LYS B 337 -11.76 9.15 3.01
CA LYS B 337 -11.95 10.15 4.06
C LYS B 337 -12.80 11.27 3.50
N ILE B 338 -13.80 11.69 4.28
CA ILE B 338 -14.67 12.79 3.90
C ILE B 338 -14.17 14.05 4.56
N TRP B 339 -13.91 15.08 3.76
CA TRP B 339 -13.40 16.36 4.25
C TRP B 339 -14.47 17.41 4.06
N ASN B 340 -14.50 18.40 4.95
CA ASN B 340 -15.52 19.44 4.91
C ASN B 340 -15.08 20.63 5.74
N ALA C 7 -1.79 2.67 -47.43
CA ALA C 7 -0.63 3.00 -46.63
C ALA C 7 -0.91 4.18 -45.72
N SER C 8 0.16 4.84 -45.26
CA SER C 8 0.02 6.01 -44.40
C SER C 8 -0.62 7.20 -45.12
N ILE C 9 -0.81 7.12 -46.43
CA ILE C 9 -1.42 8.23 -47.15
C ILE C 9 -2.89 8.37 -46.76
N ALA C 10 -3.56 7.25 -46.45
CA ALA C 10 -4.94 7.32 -46.01
C ALA C 10 -5.08 8.10 -44.70
N GLN C 11 -4.31 7.73 -43.69
CA GLN C 11 -4.32 8.48 -42.44
C GLN C 11 -3.80 9.89 -42.65
N ALA C 12 -2.95 10.12 -43.65
CA ALA C 12 -2.52 11.48 -43.95
C ALA C 12 -3.68 12.34 -44.43
N ARG C 13 -4.48 11.81 -45.37
CA ARG C 13 -5.67 12.53 -45.81
C ARG C 13 -6.63 12.76 -44.65
N LYS C 14 -6.85 11.73 -43.83
CA LYS C 14 -7.75 11.90 -42.69
C LYS C 14 -7.24 12.98 -41.74
N LEU C 15 -5.94 13.00 -41.47
CA LEU C 15 -5.38 13.97 -40.55
C LEU C 15 -5.48 15.39 -41.09
N VAL C 16 -5.14 15.58 -42.37
CA VAL C 16 -5.21 16.93 -42.93
C VAL C 16 -6.67 17.39 -43.02
N GLU C 17 -7.59 16.46 -43.29
CA GLU C 17 -9.00 16.83 -43.31
C GLU C 17 -9.48 17.28 -41.92
N GLN C 18 -9.18 16.49 -40.89
CA GLN C 18 -9.60 16.87 -39.55
C GLN C 18 -8.93 18.16 -39.11
N LEU C 19 -7.67 18.37 -39.49
CA LEU C 19 -6.97 19.58 -39.09
C LEU C 19 -7.56 20.81 -39.76
N LYS C 20 -7.83 20.73 -41.07
CA LYS C 20 -8.48 21.83 -41.76
C LYS C 20 -9.87 22.10 -41.19
N MET C 21 -10.59 21.04 -40.81
CA MET C 21 -11.91 21.22 -40.21
C MET C 21 -11.81 21.94 -38.88
N GLU C 22 -10.84 21.55 -38.04
CA GLU C 22 -10.67 22.20 -36.75
C GLU C 22 -10.15 23.63 -36.92
N ALA C 23 -9.51 23.92 -38.05
CA ALA C 23 -8.90 25.24 -38.26
C ALA C 23 -9.96 26.33 -38.27
N ASN C 24 -10.88 26.27 -39.24
CA ASN C 24 -11.86 27.34 -39.44
C ASN C 24 -12.99 27.24 -38.40
N ILE C 25 -12.65 27.67 -37.18
CA ILE C 25 -13.62 27.77 -36.10
C ILE C 25 -13.57 29.19 -35.54
N ASP C 26 -14.61 29.57 -34.80
CA ASP C 26 -14.71 30.90 -34.24
C ASP C 26 -14.05 30.94 -32.86
N ARG C 27 -13.14 31.88 -32.67
CA ARG C 27 -12.46 32.10 -31.40
C ARG C 27 -12.74 33.51 -30.90
N ILE C 28 -12.66 33.70 -29.59
CA ILE C 28 -12.88 35.01 -28.99
C ILE C 28 -11.65 35.40 -28.20
N LYS C 29 -11.69 36.57 -27.57
CA LYS C 29 -10.53 37.10 -26.88
C LYS C 29 -10.40 36.50 -25.49
N VAL C 30 -9.17 36.37 -25.01
CA VAL C 30 -8.91 35.82 -23.68
C VAL C 30 -9.48 36.75 -22.61
N SER C 31 -9.57 38.04 -22.90
CA SER C 31 -10.13 38.98 -21.93
C SER C 31 -11.58 38.64 -21.62
N LYS C 32 -12.37 38.37 -22.66
CA LYS C 32 -13.77 38.02 -22.49
C LYS C 32 -13.93 36.72 -21.71
N ALA C 33 -13.10 35.73 -22.01
CA ALA C 33 -13.17 34.45 -21.32
C ALA C 33 -12.82 34.60 -19.84
N ALA C 34 -11.75 35.35 -19.55
CA ALA C 34 -11.40 35.60 -18.16
C ALA C 34 -12.50 36.36 -17.43
N ALA C 35 -13.14 37.31 -18.13
CA ALA C 35 -14.24 38.04 -17.52
C ALA C 35 -15.42 37.12 -17.21
N ASP C 36 -15.71 36.17 -18.10
CA ASP C 36 -16.79 35.22 -17.85
C ASP C 36 -16.47 34.29 -16.69
N LEU C 37 -15.21 33.83 -16.58
CA LEU C 37 -14.84 33.04 -15.41
C LEU C 37 -14.96 33.85 -14.12
N MET C 38 -14.53 35.11 -14.15
CA MET C 38 -14.71 35.98 -13.00
C MET C 38 -16.18 36.10 -12.63
N ALA C 39 -17.04 36.32 -13.64
CA ALA C 39 -18.46 36.50 -13.38
C ALA C 39 -19.08 35.26 -12.78
N TYR C 40 -18.73 34.07 -13.31
CA TYR C 40 -19.31 32.85 -12.75
C TYR C 40 -18.78 32.58 -11.35
N CYS C 41 -17.50 32.88 -11.10
CA CYS C 41 -16.94 32.61 -9.78
C CYS C 41 -17.42 33.62 -8.75
N GLU C 42 -17.96 34.75 -9.20
CA GLU C 42 -18.49 35.74 -8.25
C GLU C 42 -20.00 35.75 -8.15
N ALA C 43 -20.71 35.11 -9.08
CA ALA C 43 -22.15 35.04 -9.00
C ALA C 43 -22.66 33.85 -8.20
N HIS C 44 -21.79 32.86 -7.95
CA HIS C 44 -22.17 31.69 -7.17
C HIS C 44 -21.29 31.52 -5.94
N ALA C 45 -20.68 32.60 -5.43
CA ALA C 45 -19.80 32.48 -4.28
C ALA C 45 -20.59 32.25 -3.00
N LYS C 46 -21.82 32.72 -2.93
CA LYS C 46 -22.65 32.56 -1.74
C LYS C 46 -23.23 31.15 -1.61
N GLU C 47 -23.04 30.30 -2.61
CA GLU C 47 -23.57 28.94 -2.60
C GLU C 47 -22.45 27.93 -2.71
N ASP C 48 -21.35 28.17 -1.99
CA ASP C 48 -20.16 27.32 -2.01
C ASP C 48 -19.87 26.88 -0.59
N PRO C 49 -20.38 25.72 -0.18
CA PRO C 49 -20.17 25.27 1.20
C PRO C 49 -18.72 24.99 1.55
N LEU C 50 -17.84 24.82 0.56
CA LEU C 50 -16.43 24.63 0.83
C LEU C 50 -15.65 25.93 0.79
N LEU C 51 -16.04 26.87 -0.07
CA LEU C 51 -15.38 28.16 -0.11
C LEU C 51 -15.65 28.97 1.15
N THR C 52 -16.93 29.16 1.48
CA THR C 52 -17.31 29.81 2.73
C THR C 52 -17.83 28.78 3.72
N PRO C 53 -17.20 28.61 4.88
CA PRO C 53 -17.62 27.56 5.80
C PRO C 53 -19.03 27.82 6.34
N VAL C 54 -19.75 26.72 6.59
CA VAL C 54 -21.08 26.81 7.19
C VAL C 54 -20.99 26.32 8.63
N PRO C 55 -21.82 26.84 9.53
CA PRO C 55 -21.74 26.40 10.93
C PRO C 55 -22.20 24.96 11.09
N ALA C 56 -21.85 24.38 12.24
CA ALA C 56 -22.06 22.96 12.47
C ALA C 56 -23.54 22.57 12.50
N SER C 57 -24.44 23.54 12.47
CA SER C 57 -25.87 23.22 12.51
C SER C 57 -26.40 22.84 11.15
N GLU C 58 -25.63 23.05 10.08
CA GLU C 58 -26.15 22.84 8.73
C GLU C 58 -25.44 21.69 8.00
N ASN C 59 -24.14 21.53 8.23
CA ASN C 59 -23.38 20.52 7.50
C ASN C 59 -23.77 19.11 7.95
N PRO C 60 -24.29 18.27 7.05
CA PRO C 60 -24.72 16.93 7.47
C PRO C 60 -23.58 16.06 7.95
N PHE C 61 -22.33 16.39 7.60
CA PHE C 61 -21.18 15.62 8.01
C PHE C 61 -20.55 16.16 9.29
N ARG C 62 -21.32 16.83 10.12
CA ARG C 62 -20.82 17.41 11.36
C ARG C 62 -20.29 16.33 12.30
N SER D 275 27.71 2.30 55.54
CA SER D 275 26.35 1.80 55.39
C SER D 275 26.08 1.32 53.97
N THR D 276 26.35 0.04 53.72
CA THR D 276 26.15 -0.54 52.39
C THR D 276 24.69 -0.47 51.96
N VAL D 277 23.75 -0.38 52.91
CA VAL D 277 22.34 -0.25 52.56
C VAL D 277 22.12 0.98 51.71
N HIS D 278 22.72 2.10 52.12
CA HIS D 278 22.60 3.35 51.37
C HIS D 278 23.07 3.17 49.93
N ILE D 279 24.25 2.59 49.75
CA ILE D 279 24.84 2.46 48.42
C ILE D 279 23.98 1.55 47.54
N LEU D 280 23.61 0.38 48.08
CA LEU D 280 22.80 -0.57 47.31
C LEU D 280 21.47 0.06 46.91
N THR D 281 20.77 0.66 47.87
CA THR D 281 19.49 1.27 47.58
C THR D 281 19.62 2.35 46.50
N ARG D 282 20.58 3.27 46.68
CA ARG D 282 20.70 4.37 45.74
C ARG D 282 21.02 3.91 44.34
N ILE D 283 21.95 2.96 44.20
CA ILE D 283 22.35 2.53 42.86
C ILE D 283 21.23 1.75 42.18
N SER D 284 20.61 0.82 42.90
CA SER D 284 19.47 0.10 42.34
C SER D 284 18.38 1.06 41.92
N GLN D 285 18.10 2.07 42.75
CA GLN D 285 17.10 3.07 42.41
C GLN D 285 17.47 3.83 41.13
N ALA D 286 18.74 4.26 41.01
CA ALA D 286 19.12 5.06 39.85
C ALA D 286 19.00 4.26 38.56
N GLY D 287 19.55 3.03 38.54
CA GLY D 287 19.43 2.20 37.35
C GLY D 287 17.99 1.90 37.01
N CYS D 288 17.20 1.49 38.01
CA CYS D 288 15.79 1.24 37.80
C CYS D 288 15.09 2.47 37.22
N GLY D 289 15.47 3.66 37.69
CA GLY D 289 14.81 4.87 37.22
C GLY D 289 15.14 5.18 35.78
N VAL D 290 16.40 4.97 35.39
CA VAL D 290 16.77 5.19 33.99
C VAL D 290 16.00 4.24 33.08
N SER D 291 15.91 2.97 33.48
CA SER D 291 15.12 2.03 32.70
C SER D 291 13.66 2.45 32.63
N MET D 292 13.13 2.97 33.75
CA MET D 292 11.75 3.43 33.76
C MET D 292 11.54 4.57 32.78
N ILE D 293 12.47 5.53 32.77
CA ILE D 293 12.36 6.67 31.85
C ILE D 293 12.28 6.18 30.42
N PHE D 294 13.18 5.27 30.03
CA PHE D 294 13.20 4.86 28.64
C PHE D 294 11.98 4.02 28.27
N LEU D 295 11.53 3.15 29.16
CA LEU D 295 10.33 2.38 28.86
C LEU D 295 9.09 3.28 28.80
N ALA D 296 9.07 4.35 29.59
CA ALA D 296 7.96 5.29 29.50
C ALA D 296 8.00 6.04 28.17
N PHE D 297 9.19 6.41 27.71
CA PHE D 297 9.31 6.96 26.36
C PHE D 297 8.73 6.00 25.33
N THR D 298 9.02 4.71 25.48
CA THR D 298 8.50 3.73 24.53
C THR D 298 6.98 3.66 24.56
N ILE D 299 6.40 3.63 25.76
CA ILE D 299 4.94 3.55 25.87
C ILE D 299 4.29 4.80 25.27
N ILE D 300 4.85 5.98 25.56
CA ILE D 300 4.30 7.22 25.02
C ILE D 300 4.38 7.22 23.51
N LEU D 301 5.51 6.79 22.95
CA LEU D 301 5.67 6.78 21.51
C LEU D 301 4.72 5.77 20.87
N TYR D 302 4.44 4.66 21.55
CA TYR D 302 3.47 3.72 21.01
C TYR D 302 2.08 4.32 20.99
N ALA D 303 1.70 5.04 22.05
CA ALA D 303 0.40 5.70 22.03
C ALA D 303 0.31 6.72 20.91
N PHE D 304 1.38 7.49 20.71
CA PHE D 304 1.40 8.50 19.65
C PHE D 304 1.30 7.84 18.28
N LEU D 305 2.00 6.73 18.07
CA LEU D 305 1.96 6.04 16.79
C LEU D 305 0.59 5.42 16.54
N ARG D 306 -0.03 4.87 17.58
CA ARG D 306 -1.34 4.25 17.40
C ARG D 306 -2.41 5.30 17.12
N LEU D 307 -2.31 6.47 17.75
CA LEU D 307 -3.31 7.51 17.50
C LEU D 307 -3.09 8.17 16.13
N SER D 308 -1.85 8.53 15.81
CA SER D 308 -1.61 9.41 14.68
C SER D 308 -1.54 8.67 13.34
N ARG D 309 -1.64 7.35 13.35
CA ARG D 309 -1.51 6.57 12.11
C ARG D 309 -2.51 5.43 12.08
N GLU D 310 -3.26 5.33 10.98
CA GLU D 310 -4.12 4.19 10.75
C GLU D 310 -3.28 2.96 10.40
N ARG D 311 -3.94 1.79 10.41
CA ARG D 311 -3.35 0.53 10.01
C ARG D 311 -2.33 0.05 11.04
N PHE D 312 -2.06 0.89 12.03
CA PHE D 312 -1.15 0.51 13.11
C PHE D 312 -1.90 -0.24 14.20
N LYS D 313 -3.22 -0.26 14.14
CA LYS D 313 -4.01 -0.96 15.13
C LYS D 313 -4.16 -2.44 14.82
N SER D 314 -3.84 -2.87 13.60
CA SER D 314 -3.97 -4.26 13.23
C SER D 314 -2.65 -5.02 13.31
N GLU D 315 -1.52 -4.33 13.42
CA GLU D 315 -0.24 -5.00 13.59
C GLU D 315 -0.14 -5.54 15.01
N ASP D 316 0.37 -6.77 15.13
CA ASP D 316 0.44 -7.44 16.42
C ASP D 316 1.84 -7.48 17.01
N ALA D 317 2.89 -7.40 16.20
CA ALA D 317 4.24 -7.35 16.73
C ALA D 317 4.49 -6.12 17.60
N PRO D 318 4.05 -4.91 17.22
CA PRO D 318 4.20 -3.78 18.14
C PRO D 318 3.42 -3.96 19.43
N LYS D 319 2.30 -4.68 19.41
CA LYS D 319 1.58 -4.94 20.65
C LYS D 319 2.38 -5.83 21.57
N ILE D 320 2.96 -6.91 21.05
CA ILE D 320 3.81 -7.77 21.89
C ILE D 320 4.99 -6.98 22.41
N HIS D 321 5.61 -6.15 21.57
N HIS D 321 5.60 -6.14 21.57
CA HIS D 321 6.76 -5.37 22.00
CA HIS D 321 6.76 -5.37 22.00
C HIS D 321 6.39 -4.38 23.10
C HIS D 321 6.39 -4.39 23.10
N VAL D 322 5.28 -3.67 22.94
CA VAL D 322 4.89 -2.69 23.93
C VAL D 322 4.42 -3.37 25.21
N ALA D 323 3.86 -4.58 25.12
CA ALA D 323 3.45 -5.29 26.31
C ALA D 323 4.67 -5.79 27.08
N LEU D 324 5.70 -6.25 26.39
CA LEU D 324 6.94 -6.60 27.08
C LEU D 324 7.59 -5.37 27.69
N GLY D 325 7.58 -4.25 26.98
CA GLY D 325 8.10 -3.02 27.55
C GLY D 325 7.35 -2.59 28.80
N GLY D 326 6.02 -2.66 28.77
CA GLY D 326 5.23 -2.32 29.94
C GLY D 326 5.43 -3.29 31.09
N SER D 327 5.64 -4.58 30.79
CA SER D 327 5.91 -5.53 31.85
C SER D 327 7.23 -5.23 32.54
N LEU D 328 8.27 -4.91 31.76
CA LEU D 328 9.52 -4.49 32.38
C LEU D 328 9.36 -3.19 33.15
N PHE D 329 8.54 -2.26 32.64
CA PHE D 329 8.30 -1.02 33.37
C PHE D 329 7.67 -1.29 34.72
N LEU D 330 6.61 -2.10 34.75
CA LEU D 330 5.93 -2.40 36.01
C LEU D 330 6.83 -3.20 36.94
N LEU D 331 7.67 -4.09 36.40
CA LEU D 331 8.62 -4.80 37.24
C LEU D 331 9.60 -3.84 37.89
N ASN D 332 10.08 -2.85 37.12
CA ASN D 332 10.96 -1.83 37.67
C ASN D 332 10.25 -1.04 38.76
N LEU D 333 9.00 -0.68 38.53
CA LEU D 333 8.24 0.07 39.52
C LEU D 333 8.10 -0.72 40.81
N ALA D 334 7.76 -2.01 40.70
CA ALA D 334 7.61 -2.84 41.89
C ALA D 334 8.94 -2.96 42.64
N PHE D 335 10.04 -3.11 41.90
CA PHE D 335 11.33 -3.23 42.56
C PHE D 335 11.69 -1.94 43.28
N LEU D 336 11.35 -0.79 42.69
CA LEU D 336 11.60 0.48 43.36
C LEU D 336 10.78 0.60 44.64
N VAL D 337 9.49 0.26 44.56
CA VAL D 337 8.64 0.30 45.74
C VAL D 337 9.20 -0.59 46.84
N ASN D 338 9.69 -1.78 46.48
CA ASN D 338 10.21 -2.70 47.49
C ASN D 338 11.49 -2.17 48.13
N VAL D 339 12.46 -1.76 47.30
CA VAL D 339 13.75 -1.35 47.85
C VAL D 339 13.61 -0.06 48.65
N GLY D 340 12.77 0.86 48.19
CA GLY D 340 12.62 2.12 48.91
C GLY D 340 12.01 1.95 50.28
N SER D 341 11.00 1.10 50.40
CA SER D 341 10.26 0.94 51.64
C SER D 341 10.46 -0.44 52.26
N GLY D 342 11.69 -0.98 52.22
CA GLY D 342 11.94 -2.27 52.82
C GLY D 342 12.03 -2.17 54.33
N SER D 343 11.76 -3.29 55.01
CA SER D 343 11.90 -3.42 56.46
C SER D 343 10.96 -2.49 57.22
N LYS D 344 10.02 -1.86 56.52
CA LYS D 344 9.06 -0.96 57.13
C LYS D 344 7.65 -1.36 56.74
N GLY D 345 6.74 -1.30 57.72
CA GLY D 345 5.38 -1.74 57.50
C GLY D 345 5.11 -3.09 58.13
N SER D 346 3.83 -3.46 58.13
CA SER D 346 3.43 -4.72 58.72
C SER D 346 3.90 -5.89 57.85
N ASP D 347 3.76 -7.10 58.41
CA ASP D 347 4.23 -8.28 57.70
C ASP D 347 3.33 -8.62 56.53
N ALA D 348 2.03 -8.73 56.77
CA ALA D 348 1.09 -9.07 55.71
C ALA D 348 1.00 -7.98 54.65
N ALA D 349 1.61 -6.83 54.89
CA ALA D 349 1.63 -5.77 53.89
C ALA D 349 2.67 -6.07 52.80
N CYS D 350 3.93 -6.21 53.18
CA CYS D 350 4.83 -6.46 52.07
C CYS D 350 4.83 -7.94 51.72
N TRP D 351 4.09 -8.77 52.46
CA TRP D 351 3.63 -10.03 51.89
C TRP D 351 3.05 -9.79 50.50
N ALA D 352 2.03 -8.93 50.42
CA ALA D 352 1.45 -8.59 49.13
C ALA D 352 2.45 -7.86 48.25
N ARG D 353 3.31 -7.02 48.84
CA ARG D 353 4.32 -6.34 48.02
C ARG D 353 5.20 -7.35 47.27
N GLY D 354 5.77 -8.31 48.00
CA GLY D 354 6.61 -9.32 47.37
C GLY D 354 5.83 -10.20 46.41
N ALA D 355 4.56 -10.47 46.72
CA ALA D 355 3.73 -11.17 45.76
C ALA D 355 3.63 -10.41 44.44
N VAL D 356 3.46 -9.09 44.51
CA VAL D 356 3.37 -8.28 43.30
C VAL D 356 4.70 -8.29 42.55
N PHE D 357 5.80 -8.20 43.28
CA PHE D 357 7.12 -8.18 42.63
C PHE D 357 7.40 -9.51 41.92
N HIS D 358 7.06 -10.62 42.57
CA HIS D 358 7.17 -11.92 41.93
C HIS D 358 6.28 -12.01 40.70
N TYR D 359 5.05 -11.48 40.79
CA TYR D 359 4.14 -11.50 39.66
C TYR D 359 4.76 -10.77 38.46
N PHE D 360 5.37 -9.61 38.72
CA PHE D 360 5.90 -8.85 37.59
C PHE D 360 7.18 -9.48 37.02
N LEU D 361 7.99 -10.11 37.86
CA LEU D 361 9.13 -10.87 37.33
C LEU D 361 8.65 -11.96 36.40
N LEU D 362 7.67 -12.77 36.85
CA LEU D 362 7.17 -13.83 35.99
C LEU D 362 6.48 -13.28 34.76
N CYS D 363 5.93 -12.07 34.83
CA CYS D 363 5.33 -11.46 33.65
C CYS D 363 6.39 -11.12 32.61
N ALA D 364 7.51 -10.54 33.05
CA ALA D 364 8.60 -10.28 32.11
C ALA D 364 9.08 -11.57 31.46
N PHE D 365 9.23 -12.64 32.25
CA PHE D 365 9.71 -13.90 31.68
C PHE D 365 8.71 -14.46 30.67
N THR D 366 7.43 -14.47 31.02
CA THR D 366 6.43 -15.02 30.11
C THR D 366 6.31 -14.19 28.85
N TRP D 367 6.62 -12.89 28.92
CA TRP D 367 6.54 -12.10 27.71
C TRP D 367 7.74 -12.31 26.81
N MET D 368 8.94 -12.52 27.38
CA MET D 368 10.04 -12.96 26.53
C MET D 368 9.72 -14.29 25.85
N GLY D 369 9.12 -15.23 26.58
CA GLY D 369 8.70 -16.48 25.98
C GLY D 369 7.69 -16.32 24.86
N LEU D 370 6.70 -15.45 25.06
CA LEU D 370 5.69 -15.23 24.02
C LEU D 370 6.29 -14.54 22.80
N GLU D 371 7.29 -13.68 22.99
CA GLU D 371 7.93 -13.11 21.82
C GLU D 371 8.75 -14.14 21.07
N ALA D 372 9.36 -15.10 21.78
CA ALA D 372 10.00 -16.21 21.10
C ALA D 372 8.99 -17.03 20.31
N PHE D 373 7.80 -17.26 20.88
CA PHE D 373 6.76 -17.97 20.15
C PHE D 373 6.31 -17.21 18.91
N HIS D 374 6.24 -15.88 19.00
CA HIS D 374 5.89 -15.10 17.81
C HIS D 374 6.97 -15.23 16.74
N LEU D 375 8.24 -15.21 17.14
CA LEU D 375 9.31 -15.47 16.18
C LEU D 375 9.16 -16.85 15.56
N TYR D 376 8.69 -17.83 16.34
CA TYR D 376 8.43 -19.15 15.79
C TYR D 376 7.36 -19.08 14.70
N LEU D 377 6.28 -18.34 14.94
CA LEU D 377 5.26 -18.21 13.92
C LEU D 377 5.74 -17.46 12.68
N LEU D 378 6.66 -16.52 12.83
CA LEU D 378 7.16 -15.79 11.66
C LEU D 378 8.22 -16.54 10.87
N ALA D 379 9.08 -17.33 11.49
CA ALA D 379 10.21 -17.89 10.76
C ALA D 379 10.32 -19.42 10.82
N VAL D 380 9.29 -20.13 11.26
CA VAL D 380 9.30 -21.59 11.15
C VAL D 380 8.07 -22.06 10.40
N ARG D 381 6.90 -21.79 10.95
CA ARG D 381 5.63 -22.05 10.27
C ARG D 381 5.24 -20.75 9.57
N VAL D 382 5.55 -20.65 8.30
CA VAL D 382 5.47 -19.36 7.62
C VAL D 382 4.10 -19.13 7.01
N PHE D 383 3.40 -20.19 6.62
CA PHE D 383 2.15 -20.07 5.89
C PHE D 383 0.97 -20.39 6.80
N ASN D 384 -0.14 -19.67 6.56
CA ASN D 384 -1.42 -19.93 7.22
C ASN D 384 -1.32 -19.71 8.73
N THR D 385 -0.61 -18.64 9.12
CA THR D 385 -0.53 -18.25 10.53
C THR D 385 -1.50 -17.09 10.78
N TYR D 386 -2.78 -17.40 10.74
CA TYR D 386 -3.79 -16.43 11.17
C TYR D 386 -4.73 -17.10 12.16
N PHE D 387 -4.74 -16.58 13.39
CA PHE D 387 -5.64 -17.05 14.43
C PHE D 387 -6.46 -15.87 14.92
N GLY D 388 -7.77 -16.07 15.06
CA GLY D 388 -8.63 -15.00 15.52
C GLY D 388 -8.31 -14.64 16.96
N HIS D 389 -8.39 -13.34 17.27
CA HIS D 389 -8.09 -12.85 18.61
C HIS D 389 -6.68 -13.25 19.03
N TYR D 390 -5.71 -13.00 18.15
CA TYR D 390 -4.34 -13.41 18.42
C TYR D 390 -3.79 -12.75 19.66
N PHE D 391 -3.77 -11.41 19.67
CA PHE D 391 -3.20 -10.72 20.82
C PHE D 391 -4.05 -10.92 22.07
N LEU D 392 -5.34 -11.19 21.92
CA LEU D 392 -6.14 -11.51 23.09
C LEU D 392 -5.62 -12.77 23.77
N LYS D 393 -5.39 -13.83 22.99
CA LYS D 393 -4.90 -15.08 23.56
C LYS D 393 -3.49 -14.92 24.11
N LEU D 394 -2.62 -14.22 23.38
CA LEU D 394 -1.26 -14.00 23.87
C LEU D 394 -1.29 -13.24 25.19
N SER D 395 -2.08 -12.17 25.27
CA SER D 395 -2.12 -11.36 26.47
C SER D 395 -2.74 -12.12 27.62
N LEU D 396 -3.75 -12.95 27.33
CA LEU D 396 -4.32 -13.80 28.36
C LEU D 396 -3.27 -14.71 28.95
N VAL D 397 -2.49 -15.39 28.11
CA VAL D 397 -1.41 -16.24 28.63
C VAL D 397 -0.41 -15.40 29.42
N GLY D 398 0.10 -14.33 28.82
CA GLY D 398 1.21 -13.61 29.41
C GLY D 398 0.85 -12.84 30.67
N TRP D 399 -0.43 -12.58 30.91
CA TRP D 399 -0.84 -11.93 32.13
C TRP D 399 -1.60 -12.83 33.10
N GLY D 400 -1.92 -14.06 32.70
CA GLY D 400 -2.65 -14.93 33.59
C GLY D 400 -1.95 -16.21 33.93
N LEU D 401 -0.79 -16.49 33.34
CA LEU D 401 -0.02 -17.64 33.81
C LEU D 401 0.75 -17.26 35.07
N PRO D 402 1.47 -16.13 35.11
CA PRO D 402 2.05 -15.69 36.38
C PRO D 402 1.00 -15.44 37.45
N ALA D 403 -0.24 -15.17 37.07
CA ALA D 403 -1.29 -15.03 38.08
C ALA D 403 -1.52 -16.34 38.80
N LEU D 404 -1.65 -17.44 38.06
CA LEU D 404 -1.76 -18.76 38.68
C LEU D 404 -0.51 -19.08 39.48
N MET D 405 0.67 -18.74 38.95
CA MET D 405 1.91 -19.00 39.68
C MET D 405 1.90 -18.31 41.03
N VAL D 406 1.51 -17.03 41.07
CA VAL D 406 1.55 -16.27 42.31
C VAL D 406 0.45 -16.76 43.25
N ILE D 407 -0.73 -17.09 42.71
CA ILE D 407 -1.78 -17.64 43.56
C ILE D 407 -1.31 -18.89 44.27
N GLY D 408 -0.69 -19.81 43.52
CA GLY D 408 -0.13 -21.00 44.12
C GLY D 408 0.93 -20.67 45.16
N THR D 409 1.95 -19.92 44.75
CA THR D 409 3.05 -19.57 45.65
C THR D 409 2.57 -18.93 46.94
N GLY D 410 1.47 -18.16 46.87
CA GLY D 410 0.93 -17.55 48.06
C GLY D 410 0.06 -18.45 48.89
N SER D 411 -0.59 -19.44 48.26
CA SER D 411 -1.37 -20.40 49.02
C SER D 411 -0.56 -21.12 50.07
N ALA D 412 0.77 -21.08 50.00
CA ALA D 412 1.64 -21.72 50.97
C ALA D 412 2.32 -20.74 51.91
N ASN D 413 1.96 -19.45 51.87
CA ASN D 413 2.50 -18.44 52.78
C ASN D 413 4.03 -18.39 52.71
N SER D 414 4.55 -18.32 51.50
CA SER D 414 5.99 -18.37 51.28
C SER D 414 6.64 -16.99 51.22
N TYR D 415 5.87 -15.92 51.08
CA TYR D 415 6.47 -14.60 51.07
C TYR D 415 6.75 -14.12 52.49
N GLY D 416 7.54 -13.08 52.59
CA GLY D 416 7.97 -12.55 53.88
C GLY D 416 9.28 -11.79 53.69
N LEU D 417 9.98 -11.56 54.80
CA LEU D 417 11.23 -10.82 54.76
C LEU D 417 12.33 -11.67 54.17
N TYR D 418 13.32 -11.02 53.55
CA TYR D 418 14.46 -11.70 52.93
C TYR D 418 15.71 -10.86 53.15
N THR D 419 16.53 -11.24 54.11
CA THR D 419 17.75 -10.51 54.44
C THR D 419 18.89 -10.97 53.55
N ILE D 420 19.82 -10.06 53.30
CA ILE D 420 21.02 -10.32 52.51
C ILE D 420 22.23 -9.98 53.37
N ARG D 421 23.09 -10.96 53.61
CA ARG D 421 24.16 -10.86 54.61
C ARG D 421 25.52 -10.50 54.03
N ASP D 422 25.86 -11.02 52.86
CA ASP D 422 27.15 -10.74 52.20
C ASP D 422 28.33 -11.16 53.08
N ARG D 423 28.32 -12.44 53.49
CA ARG D 423 29.47 -13.10 54.08
C ARG D 423 29.83 -12.56 55.46
N GLU D 424 29.16 -11.50 55.90
CA GLU D 424 29.45 -10.90 57.19
C GLU D 424 28.36 -11.14 58.22
N ASN D 425 27.26 -11.79 57.85
CA ASN D 425 26.06 -11.95 58.66
C ASN D 425 25.46 -10.63 59.09
N ARG D 426 25.87 -9.53 58.47
CA ARG D 426 25.28 -8.22 58.73
C ARG D 426 24.24 -7.91 57.66
N THR D 427 23.16 -7.24 58.07
CA THR D 427 22.09 -6.94 57.13
C THR D 427 22.55 -5.90 56.12
N SER D 428 22.99 -6.36 54.95
CA SER D 428 23.46 -5.46 53.90
C SER D 428 22.32 -4.79 53.16
N LEU D 429 21.17 -5.46 53.06
CA LEU D 429 20.00 -4.88 52.41
C LEU D 429 18.76 -5.62 52.84
N GLU D 430 17.79 -4.94 53.44
CA GLU D 430 16.54 -5.57 53.80
C GLU D 430 15.58 -5.51 52.62
N LEU D 431 15.18 -6.69 52.16
CA LEU D 431 14.13 -6.83 51.17
C LEU D 431 13.18 -7.89 51.70
N CYS D 432 11.97 -7.93 51.14
CA CYS D 432 11.04 -8.98 51.54
C CYS D 432 10.60 -9.85 50.37
N TRP D 433 11.58 -10.38 49.62
CA TRP D 433 11.45 -11.47 48.67
C TRP D 433 11.10 -12.75 49.44
N PHE D 434 11.09 -13.90 48.75
CA PHE D 434 10.70 -15.15 49.38
C PHE D 434 11.37 -15.32 50.74
N ARG D 435 10.60 -15.75 51.74
CA ARG D 435 11.12 -15.76 53.11
C ARG D 435 11.95 -17.01 53.37
N GLU D 436 12.86 -16.90 54.33
CA GLU D 436 13.81 -17.97 54.64
C GLU D 436 13.19 -18.91 55.67
N GLY D 437 12.79 -20.10 55.22
CA GLY D 437 12.22 -21.09 56.10
C GLY D 437 12.91 -22.43 56.03
N THR D 438 14.24 -22.40 55.85
CA THR D 438 15.11 -23.58 55.85
C THR D 438 14.86 -24.48 54.64
N THR D 439 13.88 -24.14 53.81
CA THR D 439 13.61 -24.87 52.59
C THR D 439 13.15 -23.89 51.52
N MET D 440 13.88 -23.85 50.40
CA MET D 440 13.66 -22.87 49.35
C MET D 440 13.07 -23.51 48.09
N TYR D 441 12.29 -24.58 48.25
CA TYR D 441 11.71 -25.22 47.07
C TYR D 441 10.82 -24.25 46.30
N ALA D 442 10.10 -23.38 47.00
CA ALA D 442 9.24 -22.42 46.30
C ALA D 442 10.06 -21.47 45.44
N LEU D 443 11.10 -20.86 46.01
CA LEU D 443 11.91 -19.91 45.26
C LEU D 443 12.50 -20.55 44.02
N TYR D 444 13.14 -21.70 44.18
CA TYR D 444 13.82 -22.33 43.04
C TYR D 444 12.84 -22.85 42.00
N ILE D 445 11.70 -23.40 42.44
CA ILE D 445 10.77 -23.96 41.47
C ILE D 445 10.03 -22.85 40.72
N THR D 446 9.82 -21.69 41.35
CA THR D 446 8.97 -20.67 40.75
C THR D 446 9.71 -19.42 40.28
N VAL D 447 11.04 -19.38 40.40
CA VAL D 447 11.78 -18.29 39.78
C VAL D 447 12.86 -18.87 38.86
N HIS D 448 13.79 -19.61 39.44
CA HIS D 448 14.87 -20.21 38.66
C HIS D 448 14.33 -21.22 37.67
N GLY D 449 13.39 -22.08 38.12
CA GLY D 449 12.80 -23.05 37.21
C GLY D 449 12.03 -22.40 36.09
N TYR D 450 11.33 -21.31 36.38
CA TYR D 450 10.59 -20.61 35.33
C TYR D 450 11.54 -19.97 34.33
N PHE D 451 12.62 -19.35 34.83
CA PHE D 451 13.60 -18.77 33.92
C PHE D 451 14.21 -19.84 33.02
N LEU D 452 14.52 -21.01 33.58
CA LEU D 452 15.12 -22.06 32.77
C LEU D 452 14.14 -22.61 31.76
N ILE D 453 12.88 -22.80 32.14
CA ILE D 453 11.89 -23.28 31.17
C ILE D 453 11.73 -22.30 30.03
N THR D 454 11.66 -21.00 30.33
CA THR D 454 11.48 -20.01 29.27
C THR D 454 12.72 -19.91 28.40
N PHE D 455 13.91 -19.96 29.01
CA PHE D 455 15.13 -19.93 28.23
C PHE D 455 15.25 -21.16 27.33
N LEU D 456 14.78 -22.31 27.82
CA LEU D 456 14.81 -23.52 27.01
C LEU D 456 13.85 -23.40 25.83
N PHE D 457 12.65 -22.88 26.06
CA PHE D 457 11.72 -22.67 24.96
C PHE D 457 12.31 -21.71 23.93
N GLY D 458 12.90 -20.60 24.39
CA GLY D 458 13.52 -19.67 23.47
C GLY D 458 14.63 -20.30 22.65
N MET D 459 15.49 -21.10 23.29
CA MET D 459 16.59 -21.71 22.56
C MET D 459 16.12 -22.79 21.60
N VAL D 460 15.09 -23.55 21.96
CA VAL D 460 14.54 -24.52 21.03
C VAL D 460 13.96 -23.83 19.81
N VAL D 461 13.26 -22.71 20.00
CA VAL D 461 12.69 -21.99 18.86
C VAL D 461 13.80 -21.40 18.00
N LEU D 462 14.86 -20.88 18.63
CA LEU D 462 15.96 -20.33 17.84
C LEU D 462 16.68 -21.43 17.07
N ALA D 463 16.79 -22.62 17.64
CA ALA D 463 17.42 -23.72 16.93
C ALA D 463 16.57 -24.18 15.76
N LEU D 464 15.25 -24.24 15.93
CA LEU D 464 14.38 -24.58 14.81
C LEU D 464 14.49 -23.53 13.70
N VAL D 465 14.57 -22.26 14.07
CA VAL D 465 14.72 -21.20 13.06
C VAL D 465 16.02 -21.39 12.30
N VAL D 466 17.13 -21.58 13.02
CA VAL D 466 18.43 -21.74 12.38
C VAL D 466 18.42 -22.96 11.45
N TRP D 467 17.82 -24.05 11.90
CA TRP D 467 17.78 -25.26 11.08
C TRP D 467 16.98 -25.02 9.81
N LYS D 468 15.82 -24.38 9.92
CA LYS D 468 15.01 -24.14 8.72
C LYS D 468 15.73 -23.23 7.74
N ILE D 469 16.39 -22.18 8.24
CA ILE D 469 17.10 -21.28 7.34
C ILE D 469 18.24 -22.00 6.65
N PHE D 470 19.03 -22.78 7.40
CA PHE D 470 20.17 -23.44 6.79
C PHE D 470 19.77 -24.66 5.97
N THR D 471 18.51 -25.10 6.06
CA THR D 471 18.03 -26.09 5.11
C THR D 471 17.54 -25.43 3.82
N LEU D 472 16.80 -24.33 3.94
CA LEU D 472 16.38 -23.59 2.75
C LEU D 472 17.57 -23.04 1.98
N SER D 473 18.69 -22.79 2.66
CA SER D 473 19.87 -22.27 1.97
C SER D 473 20.43 -23.29 0.98
N ARG D 474 19.96 -24.53 1.02
CA ARG D 474 20.41 -25.53 0.06
C ARG D 474 19.41 -25.76 -1.05
N ALA D 475 18.11 -25.67 -0.76
CA ALA D 475 17.10 -25.99 -1.75
C ALA D 475 16.97 -24.89 -2.80
N THR D 476 17.16 -23.64 -2.41
CA THR D 476 17.07 -22.51 -3.34
C THR D 476 18.32 -22.33 -4.19
N ALA D 477 19.33 -23.18 -4.00
CA ALA D 477 20.60 -23.18 -4.73
C ALA D 477 21.47 -21.98 -4.41
N VAL D 478 20.98 -21.02 -3.63
CA VAL D 478 21.79 -19.88 -3.21
C VAL D 478 22.38 -20.22 -1.85
N LYS D 479 23.56 -20.86 -1.85
CA LYS D 479 24.09 -21.40 -0.60
C LYS D 479 24.66 -20.31 0.28
N GLU D 480 25.69 -19.61 -0.19
CA GLU D 480 26.39 -18.62 0.61
C GLU D 480 25.79 -17.23 0.50
N ARG D 481 25.42 -16.81 -0.70
CA ARG D 481 24.92 -15.46 -0.88
C ARG D 481 23.63 -15.19 -0.13
N GLY D 482 22.94 -16.25 0.27
CA GLY D 482 21.63 -16.07 0.89
C GLY D 482 21.67 -14.98 1.94
N LYS D 483 20.58 -14.20 2.01
CA LYS D 483 20.54 -13.09 2.94
C LYS D 483 20.23 -13.55 4.36
N ASN D 484 19.37 -14.55 4.52
CA ASN D 484 18.95 -14.97 5.85
C ASN D 484 20.08 -15.61 6.65
N ARG D 485 21.10 -16.15 5.97
CA ARG D 485 22.21 -16.78 6.67
C ARG D 485 22.98 -15.80 7.55
N LYS D 486 22.79 -14.49 7.36
CA LYS D 486 23.41 -13.48 8.20
C LYS D 486 22.41 -12.91 9.20
N LYS D 487 21.18 -12.64 8.74
CA LYS D 487 20.14 -12.15 9.62
C LYS D 487 19.92 -13.09 10.80
N VAL D 488 19.88 -14.39 10.55
CA VAL D 488 19.58 -15.32 11.63
C VAL D 488 20.75 -15.46 12.58
N LEU D 489 21.99 -15.39 12.08
CA LEU D 489 23.13 -15.40 12.98
C LEU D 489 23.14 -14.15 13.88
N THR D 490 22.79 -12.99 13.33
CA THR D 490 22.71 -11.81 14.18
C THR D 490 21.59 -11.93 15.21
N LEU D 491 20.43 -12.43 14.80
CA LEU D 491 19.34 -12.64 15.74
C LEU D 491 19.75 -13.57 16.86
N LEU D 492 20.48 -14.64 16.53
CA LEU D 492 20.94 -15.57 17.55
C LEU D 492 21.95 -14.90 18.48
N GLY D 493 22.89 -14.14 17.92
CA GLY D 493 23.90 -13.49 18.75
C GLY D 493 23.32 -12.45 19.69
N LEU D 494 22.19 -11.85 19.32
CA LEU D 494 21.55 -10.92 20.24
C LEU D 494 20.65 -11.64 21.25
N SER D 495 19.91 -12.65 20.82
CA SER D 495 19.00 -13.33 21.74
C SER D 495 19.76 -14.11 22.80
N SER D 496 20.86 -14.76 22.42
CA SER D 496 21.64 -15.48 23.43
C SER D 496 22.26 -14.52 24.44
N LEU D 497 22.63 -13.32 24.00
CA LEU D 497 23.12 -12.31 24.93
C LEU D 497 22.03 -11.86 25.90
N VAL D 498 20.84 -11.57 25.36
CA VAL D 498 19.73 -11.17 26.22
C VAL D 498 19.38 -12.26 27.21
N GLY D 499 19.53 -13.53 26.83
CA GLY D 499 19.28 -14.61 27.75
C GLY D 499 20.34 -14.77 28.82
N VAL D 500 21.61 -14.71 28.41
CA VAL D 500 22.70 -14.96 29.35
C VAL D 500 22.83 -13.80 30.33
N THR D 501 22.47 -12.58 29.92
CA THR D 501 22.56 -11.48 30.88
C THR D 501 21.51 -11.59 31.97
N TRP D 502 20.32 -12.09 31.65
CA TRP D 502 19.32 -12.33 32.68
C TRP D 502 19.68 -13.54 33.54
N GLY D 503 20.28 -14.56 32.92
CA GLY D 503 20.81 -15.67 33.72
C GLY D 503 21.83 -15.20 34.74
N LEU D 504 22.77 -14.37 34.31
CA LEU D 504 23.76 -13.82 35.23
C LEU D 504 23.12 -12.94 36.29
N ALA D 505 22.10 -12.16 35.92
CA ALA D 505 21.42 -11.33 36.90
C ALA D 505 20.75 -12.17 37.99
N ILE D 506 20.00 -13.20 37.58
CA ILE D 506 19.29 -14.02 38.57
C ILE D 506 20.28 -14.82 39.42
N PHE D 507 21.10 -15.65 38.78
CA PHE D 507 21.85 -16.65 39.53
C PHE D 507 22.95 -16.04 40.39
N THR D 508 23.41 -14.84 40.06
CA THR D 508 24.41 -14.35 41.00
C THR D 508 23.74 -13.54 42.11
N PRO D 509 24.25 -13.61 43.34
CA PRO D 509 23.61 -12.88 44.44
C PRO D 509 23.93 -11.40 44.40
N LEU D 510 22.91 -10.59 44.71
CA LEU D 510 23.03 -9.13 44.69
C LEU D 510 23.78 -8.70 45.94
N GLY D 511 25.10 -8.86 45.89
CA GLY D 511 25.97 -8.34 46.93
C GLY D 511 26.61 -7.03 46.51
N LEU D 512 27.48 -6.53 47.38
CA LEU D 512 28.29 -5.38 47.00
C LEU D 512 29.26 -5.79 45.89
N SER D 513 29.72 -4.80 45.13
CA SER D 513 30.61 -4.95 43.97
C SER D 513 29.93 -5.67 42.83
N THR D 514 28.63 -5.97 42.91
CA THR D 514 27.87 -6.44 41.76
C THR D 514 26.54 -5.73 41.59
N VAL D 515 26.32 -4.61 42.29
CA VAL D 515 25.11 -3.82 42.06
C VAL D 515 25.28 -2.95 40.82
N TYR D 516 26.49 -2.42 40.61
CA TYR D 516 26.76 -1.58 39.45
C TYR D 516 26.46 -2.32 38.16
N ILE D 517 26.95 -3.57 38.05
CA ILE D 517 26.74 -4.35 36.84
C ILE D 517 25.27 -4.60 36.60
N PHE D 518 24.51 -4.86 37.67
CA PHE D 518 23.08 -5.11 37.51
C PHE D 518 22.35 -3.86 37.07
N ALA D 519 22.67 -2.71 37.67
CA ALA D 519 22.05 -1.45 37.25
C ALA D 519 22.39 -1.14 35.79
N LEU D 520 23.62 -1.45 35.37
CA LEU D 520 24.01 -1.18 33.99
C LEU D 520 23.28 -2.12 33.03
N PHE D 521 23.14 -3.39 33.41
CA PHE D 521 22.35 -4.32 32.60
C PHE D 521 20.92 -3.85 32.46
N ASN D 522 20.35 -3.30 33.55
CA ASN D 522 18.97 -2.82 33.49
C ASN D 522 18.85 -1.59 32.59
N SER D 523 19.79 -0.64 32.73
CA SER D 523 19.77 0.54 31.87
C SER D 523 19.85 0.14 30.41
N LEU D 524 20.75 -0.79 30.07
CA LEU D 524 20.86 -1.21 28.68
C LEU D 524 19.64 -2.00 28.22
N GLN D 525 19.06 -2.84 29.09
CA GLN D 525 17.85 -3.54 28.71
C GLN D 525 16.70 -2.58 28.43
N GLY D 526 16.73 -1.41 29.07
CA GLY D 526 15.73 -0.40 28.75
C GLY D 526 16.03 0.32 27.45
N VAL D 527 17.27 0.78 27.32
CA VAL D 527 17.65 1.58 26.17
C VAL D 527 17.52 0.78 24.87
N PHE D 528 17.90 -0.50 24.90
CA PHE D 528 17.80 -1.31 23.69
C PHE D 528 16.36 -1.44 23.25
N ILE D 529 15.45 -1.70 24.18
CA ILE D 529 14.03 -1.78 23.84
C ILE D 529 13.55 -0.46 23.25
N CYS D 530 13.92 0.66 23.87
CA CYS D 530 13.46 1.96 23.40
C CYS D 530 13.94 2.24 21.98
N CYS D 531 15.23 2.08 21.74
CA CYS D 531 15.77 2.38 20.41
C CYS D 531 15.27 1.40 19.36
N TRP D 532 15.12 0.12 19.73
CA TRP D 532 14.60 -0.85 18.79
C TRP D 532 13.18 -0.49 18.37
N PHE D 533 12.34 -0.11 19.33
CA PHE D 533 10.96 0.23 18.99
C PHE D 533 10.89 1.55 18.22
N THR D 534 11.80 2.47 18.50
CA THR D 534 11.71 3.78 17.83
C THR D 534 12.36 3.78 16.46
N ILE D 535 13.23 2.81 16.17
CA ILE D 535 13.79 2.67 14.83
C ILE D 535 12.93 1.76 13.96
N LEU D 536 12.36 0.71 14.55
CA LEU D 536 11.57 -0.23 13.77
C LEU D 536 10.27 0.39 13.29
N TYR D 537 9.71 1.35 14.03
CA TYR D 537 8.38 1.88 13.73
C TYR D 537 8.38 3.38 13.50
N LEU D 538 9.49 3.95 13.06
CA LEU D 538 9.54 5.35 12.62
C LEU D 538 10.38 5.43 11.34
N PRO D 539 9.75 5.54 10.18
CA PRO D 539 10.46 5.64 8.89
C PRO D 539 11.07 7.03 8.67
#